data_4E7R
#
_entry.id   4E7R
#
_cell.length_a   50.242
_cell.length_b   50.284
_cell.length_c   71.837
_cell.angle_alpha   97.61
_cell.angle_beta   96.61
_cell.angle_gamma   90.57
#
_symmetry.space_group_name_H-M   'P 1'
#
loop_
_entity.id
_entity.type
_entity.pdbx_description
1 polymer 'Thrombin light chain'
2 polymer 'Thrombin heavy chain'
3 polymer 'Hirudin variant-2'
4 non-polymer 2-acetamido-2-deoxy-beta-D-glucopyranose
5 non-polymer "3-[(2S)-3-[4-(2-aminoethyl)piperidin-1-yl]-2-{[(2',4'-dichlorobiphenyl-3-yl)sulfonyl]amino}-3-oxopropyl]benzenecarboximidamide"
6 non-polymer 'SODIUM ION'
7 non-polymer 'PHOSPHATE ION'
8 non-polymer GLYCEROL
9 water water
#
loop_
_entity_poly.entity_id
_entity_poly.type
_entity_poly.pdbx_seq_one_letter_code
_entity_poly.pdbx_strand_id
1 'polypeptide(L)' TFGSGEADCGLRPLFEKKSLEDKTERELLESYIDGR L,M
2 'polypeptide(L)'
;IVEGSDAEIGMSPWQVMLFRKSPQELLCGASLISDRWVLTAAHCLLYPPWDKNFTENDLLVRIGKHSRTRYERNIEKISM
LEKIYIHPRYNWRENLDRDIALMKLKKPVAFSDYIHPVCLPDRETAASLLQAGYKGRVTGWGNLKETWTANVGKGQPSVL
QVVNLPIVERPVCKDSTRIRITDNMFCAGYKPDEGKRGDACEGDSGGPFVMKSPFNNRWYQMGIVSWGEGCDRDGKYGFY
THVFRLKKWIQKVIDQFGE
;
H,G
3 'polypeptide(L)' DFEEIPEE(TYS)LQ I,J
#
loop_
_chem_comp.id
_chem_comp.type
_chem_comp.name
_chem_comp.formula
0NW non-polymer 3-[(2S)-3-[4-(2-aminoethyl)piperidin-1-yl]-2-{[(2',4'-dichlorobiphenyl-3-yl)sulfonyl]amino}-3-oxopropyl]benzenecarboximidamide 'C29 H33 Cl2 N5 O3 S'
GOL non-polymer GLYCEROL 'C3 H8 O3'
NA non-polymer 'SODIUM ION' 'Na 1'
NAG D-saccharide, beta linking 2-acetamido-2-deoxy-beta-D-glucopyranose 'C8 H15 N O6'
PO4 non-polymer 'PHOSPHATE ION' 'O4 P -3'
#
# COMPACT_ATOMS: atom_id res chain seq x y z
N GLU A 6 9.91 -26.13 -6.26
CA GLU A 6 11.19 -26.21 -6.97
C GLU A 6 11.15 -27.13 -8.21
N ALA A 7 9.96 -27.62 -8.54
CA ALA A 7 9.77 -28.37 -9.77
C ALA A 7 8.81 -27.57 -10.64
N ASP A 8 8.15 -26.61 -10.02
CA ASP A 8 7.33 -25.65 -10.73
C ASP A 8 8.09 -24.32 -10.82
N CYS A 9 9.41 -24.41 -10.69
CA CYS A 9 10.23 -23.20 -10.59
C CYS A 9 10.27 -22.40 -11.89
N GLY A 10 10.48 -21.10 -11.75
CA GLY A 10 10.79 -20.26 -12.88
C GLY A 10 9.62 -20.02 -13.80
N LEU A 11 8.42 -20.45 -13.39
CA LEU A 11 7.19 -20.21 -14.15
C LEU A 11 6.29 -19.30 -13.36
N ARG A 12 6.15 -18.07 -13.84
CA ARG A 12 5.47 -17.03 -13.06
C ARG A 12 3.96 -17.16 -13.21
N PRO A 13 3.23 -17.17 -12.08
CA PRO A 13 1.77 -17.26 -12.10
C PRO A 13 1.10 -16.24 -13.02
N LEU A 14 1.56 -14.99 -12.98
CA LEU A 14 0.92 -13.94 -13.79
C LEU A 14 1.50 -13.82 -15.19
N PHE A 15 2.46 -14.68 -15.54
CA PHE A 15 3.03 -14.61 -16.87
C PHE A 15 3.09 -15.96 -17.61
N GLU A 16 4.13 -16.76 -17.41
CA GLU A 16 4.21 -18.05 -18.09
C GLU A 16 2.97 -18.91 -17.86
N LYS A 17 2.48 -18.94 -16.63
CA LYS A 17 1.35 -19.79 -16.28
C LYS A 17 0.09 -19.43 -17.10
N LYS A 18 -0.08 -18.15 -17.43
CA LYS A 18 -1.19 -17.65 -18.24
C LYS A 18 -0.75 -17.42 -19.66
N SER A 19 0.48 -17.80 -19.98
CA SER A 19 1.04 -17.51 -21.30
C SER A 19 0.95 -16.01 -21.67
N LEU A 20 1.16 -15.13 -20.68
CA LEU A 20 1.33 -13.69 -20.94
C LEU A 20 2.81 -13.33 -20.86
N GLU A 21 3.27 -12.50 -21.78
CA GLU A 21 4.67 -12.06 -21.79
C GLU A 21 4.84 -10.74 -21.06
N ASP A 22 5.98 -10.51 -20.43
CA ASP A 22 6.22 -9.17 -19.87
C ASP A 22 6.79 -8.25 -20.95
N LYS A 23 6.84 -6.97 -20.63
CA LYS A 23 7.19 -5.93 -21.59
C LYS A 23 8.58 -6.07 -22.21
N THR A 24 9.54 -6.65 -21.51
CA THR A 24 10.90 -6.68 -22.06
C THR A 24 11.57 -8.05 -22.16
N GLU A 25 10.85 -9.14 -21.87
CA GLU A 25 11.52 -10.44 -21.93
C GLU A 25 12.00 -10.80 -23.33
N ARG A 26 11.29 -10.35 -24.37
CA ARG A 26 11.73 -10.60 -25.75
C ARG A 26 13.16 -10.06 -25.99
N GLU A 27 13.50 -8.94 -25.35
CA GLU A 27 14.86 -8.38 -25.41
C GLU A 27 15.90 -9.43 -24.96
N LEU A 28 15.53 -10.27 -24.00
CA LEU A 28 16.41 -11.33 -23.54
C LEU A 28 16.52 -12.40 -24.62
N LEU A 29 15.38 -12.86 -25.11
CA LEU A 29 15.35 -13.95 -26.07
C LEU A 29 16.12 -13.59 -27.34
N GLU A 30 16.01 -12.33 -27.75
CA GLU A 30 16.64 -11.86 -28.98
C GLU A 30 18.15 -11.78 -28.81
N SER A 31 18.62 -11.67 -27.58
CA SER A 31 20.06 -11.67 -27.35
C SER A 31 20.60 -13.10 -27.41
N TYR A 32 19.72 -14.09 -27.27
CA TYR A 32 20.21 -15.48 -27.21
C TYR A 32 20.40 -16.02 -28.61
N ILE A 33 21.54 -15.71 -29.21
CA ILE A 33 21.81 -16.07 -30.60
C ILE A 33 22.40 -17.46 -30.73
N GLU B 6 -29.99 -1.13 0.63
CA GLU B 6 -29.76 -2.55 0.39
C GLU B 6 -30.11 -3.38 1.61
N ALA B 7 -30.48 -4.64 1.39
CA ALA B 7 -30.95 -5.53 2.45
C ALA B 7 -29.87 -5.79 3.51
N ASP B 8 -28.62 -5.71 3.09
CA ASP B 8 -27.49 -6.05 3.94
C ASP B 8 -26.72 -4.81 4.41
N CYS B 9 -27.35 -3.64 4.37
CA CYS B 9 -26.64 -2.42 4.76
C CYS B 9 -26.24 -2.43 6.23
N GLY B 10 -25.14 -1.75 6.55
CA GLY B 10 -24.77 -1.47 7.94
C GLY B 10 -24.32 -2.69 8.74
N LEU B 11 -24.10 -3.79 8.05
CA LEU B 11 -23.54 -4.99 8.67
C LEU B 11 -22.18 -5.26 8.07
N ARG B 12 -21.14 -5.15 8.88
CA ARG B 12 -19.76 -5.22 8.38
C ARG B 12 -19.23 -6.63 8.28
N PRO B 13 -18.65 -6.97 7.12
CA PRO B 13 -18.11 -8.30 6.87
C PRO B 13 -17.10 -8.72 7.92
N LEU B 14 -16.28 -7.80 8.40
CA LEU B 14 -15.28 -8.16 9.39
C LEU B 14 -15.74 -7.99 10.82
N PHE B 15 -16.98 -7.54 11.02
CA PHE B 15 -17.45 -7.38 12.39
C PHE B 15 -18.80 -8.07 12.66
N GLU B 16 -19.92 -7.41 12.37
CA GLU B 16 -21.22 -8.02 12.62
C GLU B 16 -21.41 -9.36 11.91
N LYS B 17 -20.95 -9.46 10.67
CA LYS B 17 -21.07 -10.67 9.89
C LYS B 17 -20.44 -11.90 10.56
N LYS B 18 -19.36 -11.66 11.31
CA LYS B 18 -18.62 -12.72 11.97
C LYS B 18 -18.89 -12.68 13.47
N SER B 19 -19.80 -11.79 13.86
CA SER B 19 -20.07 -11.58 15.27
C SER B 19 -18.82 -11.19 16.08
N LEU B 20 -17.97 -10.36 15.49
CA LEU B 20 -16.85 -9.74 16.19
C LEU B 20 -17.18 -8.26 16.46
N GLU B 21 -16.84 -7.78 17.66
CA GLU B 21 -17.05 -6.37 18.03
C GLU B 21 -15.78 -5.60 17.84
N ASP B 22 -15.89 -4.35 17.40
CA ASP B 22 -14.71 -3.48 17.35
C ASP B 22 -14.38 -2.92 18.74
N LYS B 23 -13.21 -2.32 18.85
CA LYS B 23 -12.65 -1.88 20.12
C LYS B 23 -13.47 -0.83 20.88
N THR B 24 -14.35 -0.10 20.22
CA THR B 24 -15.08 0.96 20.95
C THR B 24 -16.58 1.02 20.71
N GLU B 25 -17.16 0.06 20.00
CA GLU B 25 -18.59 0.15 19.72
C GLU B 25 -19.44 0.02 20.99
N ARG B 26 -18.90 -0.64 22.01
CA ARG B 26 -19.59 -0.71 23.31
C ARG B 26 -19.85 0.69 23.87
N GLU B 27 -18.88 1.58 23.71
CA GLU B 27 -19.00 2.97 24.14
C GLU B 27 -20.27 3.63 23.58
N LEU B 28 -20.59 3.33 22.32
CA LEU B 28 -21.83 3.83 21.72
C LEU B 28 -23.04 3.25 22.42
N LEU B 29 -23.02 1.93 22.65
CA LEU B 29 -24.18 1.23 23.20
C LEU B 29 -24.45 1.71 24.61
N GLU B 30 -23.38 1.90 25.37
CA GLU B 30 -23.48 2.39 26.74
C GLU B 30 -24.08 3.80 26.81
N SER B 31 -23.93 4.60 25.76
CA SER B 31 -24.55 5.93 25.76
C SER B 31 -26.05 5.87 25.49
N TYR B 32 -26.52 4.77 24.90
CA TYR B 32 -27.94 4.69 24.52
C TYR B 32 -28.78 4.28 25.73
N ILE B 33 -28.92 5.22 26.66
CA ILE B 33 -29.67 5.00 27.89
C ILE B 33 -31.16 5.32 27.74
N ILE C 1 18.75 0.11 -8.57
CA ILE C 1 18.94 -0.05 -10.00
C ILE C 1 19.02 1.32 -10.69
N VAL C 2 20.06 1.50 -11.51
CA VAL C 2 20.23 2.74 -12.24
C VAL C 2 19.83 2.53 -13.70
N GLU C 3 19.05 3.46 -14.25
CA GLU C 3 18.58 3.41 -15.64
C GLU C 3 17.69 2.18 -15.91
N GLY C 4 16.98 1.74 -14.87
CA GLY C 4 16.05 0.64 -15.05
C GLY C 4 14.64 1.20 -15.17
N SER C 5 13.64 0.35 -15.00
CA SER C 5 12.27 0.81 -15.06
C SER C 5 11.43 0.10 -14.01
N ASP C 6 10.23 0.62 -13.75
CA ASP C 6 9.30 -0.03 -12.83
C ASP C 6 8.99 -1.46 -13.28
N ALA C 7 9.16 -2.41 -12.37
CA ALA C 7 8.78 -3.78 -12.65
C ALA C 7 7.27 -3.85 -12.83
N GLU C 8 6.79 -4.84 -13.57
CA GLU C 8 5.35 -5.10 -13.62
C GLU C 8 4.95 -5.94 -12.41
N ILE C 9 3.66 -5.95 -12.09
CA ILE C 9 3.15 -6.76 -10.99
C ILE C 9 3.44 -8.25 -11.29
N GLY C 10 3.98 -8.96 -10.30
CA GLY C 10 4.27 -10.37 -10.47
C GLY C 10 5.41 -10.70 -11.44
N MET C 11 6.14 -9.68 -11.90
CA MET C 11 7.20 -9.86 -12.87
C MET C 11 8.38 -10.64 -12.31
N SER C 12 8.57 -10.56 -10.99
CA SER C 12 9.71 -11.17 -10.32
C SER C 12 9.28 -11.76 -8.98
N PRO C 13 8.44 -12.79 -9.02
CA PRO C 13 7.77 -13.28 -7.81
C PRO C 13 8.72 -14.01 -6.85
N TRP C 14 9.96 -14.23 -7.27
CA TRP C 14 11.01 -14.77 -6.38
C TRP C 14 11.79 -13.64 -5.66
N GLN C 15 11.44 -12.39 -5.90
CA GLN C 15 12.19 -11.28 -5.30
C GLN C 15 11.92 -11.26 -3.82
N VAL C 16 12.99 -11.18 -3.05
CA VAL C 16 12.89 -11.11 -1.60
C VAL C 16 13.55 -9.83 -1.13
N MET C 17 12.95 -9.17 -0.15
CA MET C 17 13.60 -8.05 0.51
C MET C 17 14.12 -8.46 1.87
N LEU C 18 15.41 -8.25 2.10
CA LEU C 18 16.02 -8.46 3.42
C LEU C 18 15.80 -7.21 4.22
N PHE C 19 15.10 -7.34 5.35
CA PHE C 19 14.69 -6.17 6.11
C PHE C 19 15.27 -6.18 7.52
N ARG C 20 16.00 -5.14 7.87
CA ARG C 20 16.52 -4.99 9.23
CA ARG C 20 16.53 -4.97 9.23
C ARG C 20 15.39 -4.61 10.17
N LYS C 21 15.34 -5.27 11.33
CA LYS C 21 14.27 -5.03 12.29
C LYS C 21 14.38 -3.65 12.92
N SER C 22 15.56 -3.34 13.46
CA SER C 22 15.75 -2.12 14.22
C SER C 22 17.12 -1.54 13.90
N PRO C 23 17.17 -0.35 13.28
CA PRO C 23 16.00 0.40 12.81
C PRO C 23 15.41 -0.25 11.57
N GLN C 24 14.13 -0.04 11.31
CA GLN C 24 13.47 -0.65 10.15
C GLN C 24 14.02 -0.05 8.88
N GLU C 25 14.75 -0.85 8.11
CA GLU C 25 15.29 -0.40 6.84
C GLU C 25 15.59 -1.55 5.90
N LEU C 26 15.75 -1.23 4.63
CA LEU C 26 16.11 -2.22 3.64
C LEU C 26 17.57 -2.55 3.85
N LEU C 27 17.91 -3.83 3.83
CA LEU C 27 19.31 -4.23 3.90
C LEU C 27 19.82 -4.60 2.53
N CYS C 28 19.10 -5.49 1.87
CA CYS C 28 19.60 -6.13 0.66
C CYS C 28 18.46 -6.76 -0.08
N GLY C 29 18.74 -7.17 -1.31
CA GLY C 29 17.83 -8.01 -2.06
C GLY C 29 18.13 -9.46 -1.74
N ALA C 30 17.36 -10.36 -2.34
CA ALA C 30 17.52 -11.80 -2.12
C ALA C 30 16.56 -12.48 -3.05
N SER C 31 16.60 -13.81 -3.10
CA SER C 31 15.67 -14.57 -3.93
C SER C 31 15.09 -15.83 -3.26
N LEU C 32 13.89 -16.21 -3.69
CA LEU C 32 13.23 -17.37 -3.14
C LEU C 32 13.51 -18.56 -4.04
N ILE C 33 14.18 -19.58 -3.50
CA ILE C 33 14.51 -20.75 -4.32
C ILE C 33 13.70 -22.01 -3.95
N SER C 34 12.93 -21.93 -2.88
CA SER C 34 11.95 -22.97 -2.51
C SER C 34 11.06 -22.36 -1.44
N ASP C 35 10.20 -23.17 -0.82
CA ASP C 35 9.27 -22.65 0.18
C ASP C 35 9.92 -22.35 1.53
N ARG C 36 11.17 -22.77 1.70
CA ARG C 36 11.85 -22.58 2.97
C ARG C 36 13.23 -21.93 2.84
N TRP C 37 13.75 -21.84 1.61
CA TRP C 37 15.11 -21.33 1.43
C TRP C 37 15.17 -20.05 0.62
N VAL C 38 16.01 -19.13 1.09
CA VAL C 38 16.24 -17.85 0.42
C VAL C 38 17.73 -17.64 0.19
N LEU C 39 18.08 -17.25 -1.03
CA LEU C 39 19.45 -17.02 -1.47
C LEU C 39 19.77 -15.52 -1.45
N THR C 40 20.97 -15.17 -1.01
CA THR C 40 21.41 -13.77 -1.01
C THR C 40 22.95 -13.66 -1.12
N ALA C 41 23.48 -12.45 -1.05
CA ALA C 41 24.93 -12.25 -1.06
C ALA C 41 25.46 -12.34 0.36
N ALA C 42 26.57 -13.04 0.56
CA ALA C 42 27.16 -13.18 1.89
C ALA C 42 27.44 -11.83 2.52
N HIS C 43 27.88 -10.86 1.71
CA HIS C 43 28.29 -9.57 2.23
C HIS C 43 27.11 -8.78 2.81
N CYS C 44 25.89 -9.18 2.46
CA CYS C 44 24.71 -8.55 3.04
C CYS C 44 24.61 -8.89 4.52
N LEU C 45 25.20 -9.99 4.91
CA LEU C 45 25.06 -10.51 6.28
C LEU C 45 26.36 -10.37 7.06
N LEU C 46 27.48 -10.54 6.38
CA LEU C 46 28.78 -10.53 7.03
C LEU C 46 29.77 -9.65 6.27
N TYR C 47 30.16 -8.55 6.89
CA TYR C 47 31.19 -7.70 6.33
C TYR C 47 31.94 -7.00 7.46
N PRO C 48 32.92 -7.70 8.04
CA PRO C 48 33.77 -7.23 9.15
C PRO C 48 34.44 -5.85 8.99
N PRO C 49 34.90 -5.46 7.78
CA PRO C 49 35.51 -4.13 7.68
C PRO C 49 34.59 -2.99 8.09
N TRP C 50 33.28 -3.18 7.97
CA TRP C 50 32.31 -2.15 8.35
C TRP C 50 31.49 -2.57 9.57
N ASP C 51 32.03 -3.52 10.33
CA ASP C 51 31.35 -4.09 11.49
C ASP C 51 29.93 -4.60 11.22
N LYS C 52 29.74 -5.21 10.06
CA LYS C 52 28.47 -5.84 9.74
C LYS C 52 28.53 -7.33 10.04
N ASN C 53 27.70 -7.77 10.98
CA ASN C 53 27.60 -9.23 11.34
C ASN C 53 26.21 -9.51 11.87
N PHE C 54 25.27 -9.73 10.95
CA PHE C 54 23.88 -9.95 11.33
C PHE C 54 23.59 -11.37 11.81
N THR C 55 22.81 -11.48 12.87
CA THR C 55 22.33 -12.76 13.35
C THR C 55 20.87 -12.93 12.88
N GLU C 56 20.37 -14.15 12.96
CA GLU C 56 19.00 -14.47 12.51
C GLU C 56 17.96 -13.52 13.07
N ASN C 57 18.06 -13.22 14.35
CA ASN C 57 17.04 -12.44 15.03
C ASN C 57 17.06 -10.96 14.65
N ASP C 58 18.08 -10.53 13.91
CA ASP C 58 18.20 -9.14 13.48
C ASP C 58 17.31 -8.79 12.29
N LEU C 59 16.90 -9.82 11.54
CA LEU C 59 16.34 -9.60 10.21
C LEU C 59 15.00 -10.29 9.98
N LEU C 60 14.29 -9.78 8.98
CA LEU C 60 13.09 -10.40 8.45
C LEU C 60 13.28 -10.47 6.96
N VAL C 61 12.56 -11.37 6.30
CA VAL C 61 12.51 -11.34 4.85
C VAL C 61 11.08 -11.03 4.42
N ARG C 62 10.96 -10.16 3.43
CA ARG C 62 9.66 -9.74 2.95
C ARG C 62 9.49 -10.21 1.53
N ILE C 63 8.50 -11.07 1.34
CA ILE C 63 8.34 -11.78 0.09
C ILE C 63 7.04 -11.37 -0.58
N GLY C 64 7.06 -11.25 -1.90
CA GLY C 64 5.88 -10.88 -2.65
C GLY C 64 5.72 -9.38 -2.82
N LYS C 65 6.76 -8.63 -2.45
CA LYS C 65 6.67 -7.17 -2.46
C LYS C 65 6.79 -6.53 -3.85
N HIS C 66 6.27 -5.31 -3.95
CA HIS C 66 6.42 -4.49 -5.15
C HIS C 66 6.78 -3.06 -4.71
N SER C 67 5.95 -2.48 -3.85
CA SER C 67 6.27 -1.18 -3.27
C SER C 67 7.49 -1.32 -2.36
N ARG C 68 8.41 -0.37 -2.44
CA ARG C 68 9.60 -0.40 -1.58
C ARG C 68 9.25 -0.23 -0.10
N THR C 69 8.44 0.77 0.22
CA THR C 69 8.22 1.16 1.61
C THR C 69 6.87 0.75 2.21
N ARG C 70 5.86 0.58 1.37
CA ARG C 70 4.52 0.30 1.88
C ARG C 70 4.43 -1.11 2.44
N TYR C 71 3.62 -1.30 3.47
CA TYR C 71 3.32 -2.65 3.91
C TYR C 71 2.19 -3.18 3.05
N GLU C 72 2.51 -4.10 2.15
CA GLU C 72 1.57 -4.51 1.12
C GLU C 72 0.58 -5.58 1.64
N ARG C 73 -0.42 -5.07 2.35
CA ARG C 73 -1.37 -5.88 3.07
C ARG C 73 -2.07 -6.87 2.13
N ASN C 74 -2.22 -8.11 2.59
CA ASN C 74 -2.82 -9.21 1.83
C ASN C 74 -1.98 -9.66 0.63
N ILE C 75 -0.80 -9.09 0.47
CA ILE C 75 -0.01 -9.41 -0.71
C ILE C 75 1.36 -9.95 -0.32
N GLU C 76 2.11 -9.16 0.43
CA GLU C 76 3.43 -9.59 0.86
C GLU C 76 3.33 -10.56 2.04
N LYS C 77 4.35 -11.39 2.18
CA LYS C 77 4.48 -12.22 3.37
C LYS C 77 5.82 -11.93 4.02
N ILE C 78 5.80 -11.90 5.34
CA ILE C 78 7.00 -11.62 6.11
C ILE C 78 7.39 -12.88 6.85
N SER C 79 8.63 -13.31 6.69
CA SER C 79 9.11 -14.55 7.31
C SER C 79 10.27 -14.28 8.24
N MET C 80 10.36 -15.08 9.30
CA MET C 80 11.50 -15.04 10.21
C MET C 80 12.52 -16.10 9.80
N LEU C 81 13.78 -15.86 10.16
CA LEU C 81 14.90 -16.72 9.77
C LEU C 81 15.20 -17.79 10.81
N GLU C 82 15.24 -19.05 10.40
CA GLU C 82 15.61 -20.11 11.33
C GLU C 82 17.13 -20.16 11.42
N LYS C 83 17.80 -20.08 10.28
CA LYS C 83 19.24 -20.23 10.25
C LYS C 83 19.89 -19.58 9.05
N ILE C 84 21.05 -18.98 9.27
CA ILE C 84 21.85 -18.37 8.21
C ILE C 84 23.06 -19.26 7.90
N TYR C 85 23.33 -19.49 6.61
CA TYR C 85 24.51 -20.24 6.22
C TYR C 85 25.33 -19.41 5.24
N ILE C 86 26.55 -19.08 5.63
CA ILE C 86 27.44 -18.31 4.78
C ILE C 86 28.46 -19.24 4.18
N HIS C 87 28.81 -19.07 2.90
CA HIS C 87 29.86 -19.92 2.31
C HIS C 87 31.13 -19.93 3.18
N PRO C 88 31.61 -21.13 3.55
CA PRO C 88 32.76 -21.18 4.45
C PRO C 88 34.02 -20.52 3.86
N ARG C 89 34.08 -20.37 2.54
CA ARG C 89 35.24 -19.74 1.92
C ARG C 89 34.88 -18.40 1.26
N TYR C 90 33.75 -17.84 1.69
CA TYR C 90 33.44 -16.46 1.40
C TYR C 90 34.63 -15.57 1.77
N ASN C 91 35.14 -14.83 0.78
CA ASN C 91 36.37 -14.07 0.99
C ASN C 91 36.09 -12.57 1.11
N TRP C 92 35.73 -12.15 2.31
CA TRP C 92 35.43 -10.77 2.56
C TRP C 92 36.71 -9.98 2.72
N ARG C 93 37.82 -10.65 2.94
CA ARG C 93 39.08 -9.95 3.16
C ARG C 93 39.60 -9.27 1.91
N GLU C 94 39.42 -9.90 0.76
CA GLU C 94 40.02 -9.37 -0.45
C GLU C 94 39.01 -8.91 -1.51
N ASN C 95 38.33 -9.86 -2.16
CA ASN C 95 37.55 -9.53 -3.35
C ASN C 95 36.11 -10.03 -3.40
N LEU C 96 35.55 -10.39 -2.26
CA LEU C 96 34.18 -10.95 -2.20
C LEU C 96 34.04 -12.22 -3.02
N ASP C 97 35.14 -12.93 -3.21
CA ASP C 97 35.06 -14.27 -3.81
C ASP C 97 34.08 -15.15 -3.03
N ARG C 98 33.18 -15.80 -3.76
CA ARG C 98 32.14 -16.68 -3.19
C ARG C 98 31.16 -15.91 -2.33
N ASP C 99 30.67 -14.80 -2.88
CA ASP C 99 29.75 -13.93 -2.16
C ASP C 99 28.34 -14.56 -2.18
N ILE C 100 28.13 -15.54 -1.31
CA ILE C 100 26.88 -16.27 -1.33
C ILE C 100 26.48 -16.73 0.07
N ALA C 101 25.18 -16.75 0.32
CA ALA C 101 24.65 -17.19 1.61
C ALA C 101 23.24 -17.70 1.44
N LEU C 102 22.86 -18.65 2.29
CA LEU C 102 21.50 -19.19 2.31
C LEU C 102 20.82 -18.85 3.61
N MET C 103 19.50 -18.65 3.53
CA MET C 103 18.68 -18.39 4.70
C MET C 103 17.50 -19.36 4.73
N LYS C 104 17.41 -20.15 5.80
CA LYS C 104 16.28 -21.04 6.01
C LYS C 104 15.20 -20.35 6.83
N LEU C 105 13.99 -20.31 6.29
CA LEU C 105 12.86 -19.65 6.95
C LEU C 105 12.32 -20.50 8.08
N LYS C 106 11.78 -19.86 9.11
CA LYS C 106 11.24 -20.60 10.25
C LYS C 106 10.05 -21.47 9.86
N LYS C 107 9.32 -21.05 8.84
CA LYS C 107 8.15 -21.78 8.36
C LYS C 107 8.04 -21.57 6.85
N PRO C 108 7.44 -22.53 6.13
CA PRO C 108 7.33 -22.41 4.68
C PRO C 108 6.46 -21.23 4.29
N VAL C 109 6.83 -20.48 3.24
CA VAL C 109 5.97 -19.41 2.74
C VAL C 109 4.98 -20.00 1.73
N ALA C 110 3.74 -19.51 1.77
CA ALA C 110 2.73 -19.92 0.81
C ALA C 110 2.92 -19.23 -0.53
N PHE C 111 2.93 -20.01 -1.60
CA PHE C 111 3.07 -19.44 -2.94
C PHE C 111 1.78 -18.75 -3.36
N SER C 112 1.88 -17.86 -4.33
CA SER C 112 0.74 -17.08 -4.82
C SER C 112 1.09 -16.45 -6.15
N ASP C 113 0.19 -15.63 -6.66
CA ASP C 113 0.46 -14.88 -7.88
C ASP C 113 1.72 -14.02 -7.76
N TYR C 114 2.09 -13.66 -6.52
CA TYR C 114 3.15 -12.68 -6.27
C TYR C 114 4.39 -13.28 -5.62
N ILE C 115 4.29 -14.56 -5.28
CA ILE C 115 5.31 -15.29 -4.54
C ILE C 115 5.50 -16.66 -5.17
N HIS C 116 6.66 -16.87 -5.79
CA HIS C 116 6.95 -18.11 -6.53
C HIS C 116 8.46 -18.27 -6.71
N PRO C 117 8.98 -19.49 -6.51
CA PRO C 117 10.46 -19.65 -6.55
C PRO C 117 11.06 -19.63 -7.96
N VAL C 118 12.31 -19.17 -8.04
CA VAL C 118 13.07 -19.16 -9.28
C VAL C 118 13.82 -20.49 -9.36
N CYS C 119 14.14 -20.95 -10.57
CA CYS C 119 14.97 -22.14 -10.73
C CYS C 119 16.46 -21.85 -10.55
N LEU C 120 17.20 -22.85 -10.08
CA LEU C 120 18.67 -22.81 -10.08
C LEU C 120 19.22 -23.62 -11.25
N PRO C 121 20.26 -23.09 -11.92
CA PRO C 121 20.74 -23.67 -13.17
C PRO C 121 21.49 -24.98 -12.99
N ASP C 122 21.27 -25.89 -13.94
CA ASP C 122 22.10 -27.07 -14.07
C ASP C 122 23.27 -26.67 -14.96
N ARG C 123 24.26 -27.55 -15.07
CA ARG C 123 25.46 -27.31 -15.87
C ARG C 123 25.16 -26.95 -17.31
N GLU C 124 24.25 -27.71 -17.94
CA GLU C 124 23.96 -27.50 -19.34
C GLU C 124 23.28 -26.14 -19.55
N THR C 125 22.44 -25.75 -18.60
CA THR C 125 21.70 -24.52 -18.73
C THR C 125 22.66 -23.35 -18.57
N ALA C 126 23.56 -23.46 -17.61
CA ALA C 126 24.62 -22.46 -17.43
C ALA C 126 25.51 -22.36 -18.67
N ALA C 127 26.01 -23.50 -19.12
CA ALA C 127 26.88 -23.54 -20.29
C ALA C 127 26.21 -22.90 -21.50
N SER C 128 24.93 -23.17 -21.65
CA SER C 128 24.20 -22.66 -22.79
C SER C 128 23.91 -21.15 -22.70
N LEU C 129 23.61 -20.66 -21.50
CA LEU C 129 23.14 -19.28 -21.35
C LEU C 129 24.21 -18.26 -20.95
N LEU C 130 25.22 -18.68 -20.20
CA LEU C 130 26.24 -17.77 -19.70
C LEU C 130 27.26 -17.46 -20.77
N GLN C 131 26.85 -16.65 -21.73
CA GLN C 131 27.72 -16.31 -22.84
C GLN C 131 27.73 -14.80 -23.02
N ALA C 132 28.88 -14.26 -23.40
CA ALA C 132 29.01 -12.83 -23.63
C ALA C 132 27.99 -12.36 -24.66
N GLY C 133 27.28 -11.27 -24.37
CA GLY C 133 26.25 -10.79 -25.27
C GLY C 133 24.84 -11.21 -24.86
N TYR C 134 24.72 -12.39 -24.28
CA TYR C 134 23.43 -12.86 -23.77
C TYR C 134 23.01 -11.95 -22.62
N LYS C 135 21.77 -11.49 -22.65
CA LYS C 135 21.29 -10.59 -21.60
C LYS C 135 20.60 -11.34 -20.48
N GLY C 136 20.81 -10.85 -19.27
CA GLY C 136 20.04 -11.31 -18.13
C GLY C 136 19.33 -10.12 -17.54
N ARG C 137 18.62 -10.33 -16.44
CA ARG C 137 17.78 -9.29 -15.89
C ARG C 137 18.08 -9.14 -14.41
N VAL C 138 18.21 -7.89 -13.95
CA VAL C 138 18.48 -7.62 -12.54
C VAL C 138 17.32 -6.82 -11.95
N THR C 139 16.98 -7.12 -10.69
CA THR C 139 15.88 -6.43 -10.03
C THR C 139 16.25 -6.01 -8.61
N GLY C 140 15.71 -4.88 -8.17
CA GLY C 140 15.93 -4.47 -6.80
C GLY C 140 15.31 -3.14 -6.43
N TRP C 141 15.35 -2.82 -5.13
CA TRP C 141 14.85 -1.57 -4.59
C TRP C 141 15.99 -0.62 -4.21
N GLY C 142 17.17 -0.92 -4.72
CA GLY C 142 18.35 -0.12 -4.41
C GLY C 142 18.33 1.28 -5.03
N ASN C 143 19.38 2.04 -4.76
CA ASN C 143 19.57 3.38 -5.30
C ASN C 143 19.27 3.51 -6.80
N LEU C 144 18.67 4.64 -7.17
CA LEU C 144 18.41 4.95 -8.58
C LEU C 144 19.63 5.57 -9.27
N LYS C 145 20.56 6.11 -8.47
CA LYS C 145 21.81 6.66 -8.99
C LYS C 145 22.92 6.59 -7.96
N GLU C 146 24.17 6.72 -8.40
CA GLU C 146 25.33 6.61 -7.54
C GLU C 146 25.28 7.53 -6.31
N GLY C 155 15.83 9.59 -4.44
CA GLY C 155 17.00 8.78 -4.72
C GLY C 155 16.69 7.29 -4.64
N GLN C 156 15.66 6.95 -3.88
CA GLN C 156 15.20 5.58 -3.78
C GLN C 156 13.85 5.41 -4.48
N PRO C 157 13.69 4.30 -5.21
CA PRO C 157 12.50 4.10 -6.04
C PRO C 157 11.24 3.86 -5.22
N SER C 158 10.10 4.25 -5.79
CA SER C 158 8.83 3.93 -5.18
C SER C 158 8.56 2.42 -5.28
N VAL C 159 8.82 1.84 -6.44
CA VAL C 159 8.54 0.42 -6.60
C VAL C 159 9.74 -0.35 -7.12
N LEU C 160 9.67 -1.68 -7.06
CA LEU C 160 10.70 -2.57 -7.58
C LEU C 160 11.16 -2.14 -8.99
N GLN C 161 12.48 -2.10 -9.17
CA GLN C 161 13.07 -1.69 -10.45
C GLN C 161 13.66 -2.89 -11.17
N VAL C 162 13.69 -2.80 -12.48
CA VAL C 162 14.17 -3.91 -13.31
C VAL C 162 15.05 -3.34 -14.42
N VAL C 163 16.06 -4.10 -14.81
CA VAL C 163 16.89 -3.72 -15.95
C VAL C 163 17.50 -4.99 -16.58
N ASN C 164 17.55 -5.01 -17.91
CA ASN C 164 18.19 -6.10 -18.63
C ASN C 164 19.59 -5.69 -19.06
N LEU C 165 20.56 -6.58 -18.87
CA LEU C 165 21.97 -6.26 -19.13
C LEU C 165 22.72 -7.41 -19.77
N PRO C 166 23.64 -7.08 -20.71
CA PRO C 166 24.42 -8.13 -21.38
C PRO C 166 25.60 -8.65 -20.55
N ILE C 167 25.79 -9.96 -20.56
CA ILE C 167 26.98 -10.57 -20.00
C ILE C 167 28.21 -10.12 -20.78
N VAL C 168 29.30 -9.87 -20.08
CA VAL C 168 30.50 -9.30 -20.68
C VAL C 168 31.66 -10.31 -20.70
N GLU C 169 32.42 -10.31 -21.79
CA GLU C 169 33.59 -11.17 -21.94
C GLU C 169 34.47 -11.05 -20.72
N ARG C 170 34.98 -12.19 -20.25
CA ARG C 170 35.80 -12.25 -19.04
C ARG C 170 37.03 -11.30 -19.06
N PRO C 171 37.80 -11.25 -20.17
CA PRO C 171 38.94 -10.32 -20.20
C PRO C 171 38.55 -8.84 -20.09
N VAL C 172 37.42 -8.44 -20.65
CA VAL C 172 36.92 -7.07 -20.49
C VAL C 172 36.55 -6.80 -19.03
N CYS C 173 35.93 -7.78 -18.36
CA CYS C 173 35.62 -7.63 -16.95
C CYS C 173 36.91 -7.36 -16.16
N LYS C 174 37.91 -8.20 -16.40
CA LYS C 174 39.16 -8.13 -15.66
C LYS C 174 39.85 -6.80 -15.90
N ASP C 175 39.89 -6.39 -17.17
CA ASP C 175 40.57 -5.16 -17.57
C ASP C 175 39.88 -3.88 -17.13
N SER C 176 38.70 -4.00 -16.53
CA SER C 176 37.91 -2.83 -16.13
C SER C 176 38.15 -2.45 -14.66
N THR C 177 38.91 -3.28 -13.96
CA THR C 177 39.04 -3.09 -12.52
C THR C 177 40.41 -3.50 -12.00
N ARG C 178 40.72 -3.10 -10.78
CA ARG C 178 41.97 -3.49 -10.15
C ARG C 178 41.73 -4.68 -9.23
N ILE C 179 40.46 -5.01 -9.01
CA ILE C 179 40.11 -6.12 -8.15
C ILE C 179 40.46 -7.43 -8.86
N ARG C 180 41.06 -8.36 -8.14
CA ARG C 180 41.28 -9.70 -8.70
C ARG C 180 39.95 -10.47 -8.91
N ILE C 181 39.61 -10.69 -10.17
CA ILE C 181 38.37 -11.36 -10.57
C ILE C 181 38.52 -12.88 -10.60
N THR C 182 37.61 -13.61 -9.96
CA THR C 182 37.68 -15.09 -9.96
C THR C 182 36.65 -15.76 -10.88
N ASP C 183 36.78 -17.08 -11.05
CA ASP C 183 35.83 -17.86 -11.82
C ASP C 183 34.46 -17.94 -11.14
N ASN C 184 34.39 -17.55 -9.87
CA ASN C 184 33.13 -17.52 -9.13
C ASN C 184 32.37 -16.21 -9.32
N MET C 185 32.84 -15.40 -10.29
CA MET C 185 32.19 -14.13 -10.65
C MET C 185 32.05 -14.01 -12.14
N PHE C 186 31.11 -13.18 -12.56
CA PHE C 186 31.03 -12.75 -13.94
C PHE C 186 30.55 -11.31 -13.87
N CYS C 187 30.75 -10.54 -14.92
CA CYS C 187 30.29 -9.16 -14.88
C CYS C 187 29.29 -8.91 -15.99
N ALA C 188 28.45 -7.90 -15.83
CA ALA C 188 27.45 -7.55 -16.83
C ALA C 188 27.23 -6.04 -16.94
N GLY C 189 26.90 -5.60 -18.14
CA GLY C 189 26.68 -4.19 -18.39
C GLY C 189 26.98 -3.84 -19.82
N TYR C 190 26.55 -2.66 -20.23
CA TYR C 190 26.85 -2.17 -21.55
C TYR C 190 28.24 -1.55 -21.56
N LYS C 191 28.93 -1.69 -22.68
CA LYS C 191 30.20 -1.03 -22.90
C LYS C 191 29.91 0.44 -23.20
N PRO C 192 30.89 1.32 -22.99
CA PRO C 192 30.68 2.75 -23.23
C PRO C 192 30.16 3.05 -24.64
N ASP C 193 30.68 2.32 -25.62
CA ASP C 193 30.31 2.58 -27.01
C ASP C 193 28.87 2.17 -27.30
N GLU C 194 28.44 1.10 -26.63
CA GLU C 194 27.16 0.43 -26.93
C GLU C 194 25.95 1.33 -26.78
N GLY C 195 26.10 2.46 -26.09
CA GLY C 195 25.03 3.43 -26.00
C GLY C 195 24.12 3.25 -24.81
N LYS C 196 23.35 2.16 -24.79
CA LYS C 196 22.44 1.87 -23.68
C LYS C 196 23.22 1.81 -22.36
N ARG C 197 22.53 1.97 -21.24
CA ARG C 197 23.20 1.83 -19.95
C ARG C 197 22.35 1.13 -18.91
N GLY C 198 22.80 1.16 -17.66
CA GLY C 198 22.08 0.47 -16.60
C GLY C 198 23.01 -0.36 -15.75
N ASP C 199 22.65 -0.53 -14.49
CA ASP C 199 23.52 -1.21 -13.55
C ASP C 199 22.73 -1.44 -12.28
N ALA C 200 23.16 -2.41 -11.49
CA ALA C 200 22.71 -2.49 -10.11
C ALA C 200 23.39 -1.39 -9.30
N CYS C 201 22.94 -1.19 -8.07
CA CYS C 201 23.55 -0.18 -7.23
C CYS C 201 23.36 -0.57 -5.76
N GLU C 202 23.83 0.29 -4.85
CA GLU C 202 23.70 0.08 -3.42
C GLU C 202 22.25 -0.28 -3.07
N GLY C 203 22.06 -1.26 -2.20
CA GLY C 203 20.72 -1.71 -1.84
C GLY C 203 20.21 -2.86 -2.72
N ASP C 204 20.80 -3.04 -3.90
CA ASP C 204 20.43 -4.12 -4.80
C ASP C 204 21.17 -5.42 -4.51
N SER C 205 22.28 -5.31 -3.79
CA SER C 205 23.09 -6.46 -3.39
C SER C 205 22.24 -7.63 -2.92
N GLY C 206 22.61 -8.82 -3.34
CA GLY C 206 21.96 -10.02 -2.84
C GLY C 206 20.79 -10.41 -3.72
N GLY C 207 20.32 -9.46 -4.51
CA GLY C 207 19.27 -9.73 -5.47
C GLY C 207 19.74 -10.58 -6.63
N PRO C 208 18.77 -11.04 -7.44
CA PRO C 208 19.02 -12.04 -8.49
C PRO C 208 19.33 -11.46 -9.87
N PHE C 209 20.28 -12.07 -10.55
CA PHE C 209 20.49 -11.85 -11.98
C PHE C 209 19.86 -13.08 -12.64
N VAL C 210 18.76 -12.89 -13.36
CA VAL C 210 18.04 -14.03 -13.92
C VAL C 210 18.06 -14.08 -15.45
N MET C 211 17.93 -15.28 -16.00
CA MET C 211 17.77 -15.43 -17.42
C MET C 211 16.61 -16.36 -17.72
N LYS C 212 15.93 -16.17 -18.84
CA LYS C 212 14.81 -17.03 -19.21
C LYS C 212 15.26 -18.06 -20.24
N SER C 213 15.24 -19.34 -19.86
CA SER C 213 15.66 -20.36 -20.81
C SER C 213 14.79 -20.35 -22.06
N PRO C 214 15.42 -20.28 -23.24
CA PRO C 214 14.61 -20.42 -24.45
C PRO C 214 14.28 -21.90 -24.70
N PHE C 215 14.79 -22.78 -23.85
CA PHE C 215 14.56 -24.21 -24.03
C PHE C 215 13.31 -24.69 -23.30
N ASN C 216 13.06 -24.21 -22.10
CA ASN C 216 11.87 -24.68 -21.42
C ASN C 216 11.04 -23.53 -20.88
N ASN C 217 11.41 -22.31 -21.26
CA ASN C 217 10.67 -21.11 -20.87
C ASN C 217 10.65 -20.81 -19.37
N ARG C 218 11.63 -21.36 -18.66
CA ARG C 218 11.74 -21.14 -17.22
C ARG C 218 12.79 -20.10 -16.91
N TRP C 219 12.56 -19.38 -15.83
CA TRP C 219 13.53 -18.41 -15.36
C TRP C 219 14.53 -19.06 -14.43
N TYR C 220 15.80 -18.82 -14.72
CA TYR C 220 16.90 -19.38 -13.95
C TYR C 220 17.70 -18.24 -13.32
N GLN C 221 18.07 -18.39 -12.06
CA GLN C 221 18.98 -17.42 -11.46
C GLN C 221 20.45 -17.79 -11.72
N MET C 222 21.11 -17.07 -12.62
CA MET C 222 22.52 -17.32 -12.91
C MET C 222 23.47 -16.58 -12.00
N GLY C 223 23.00 -15.49 -11.37
CA GLY C 223 23.87 -14.63 -10.59
C GLY C 223 23.23 -13.95 -9.39
N ILE C 224 24.08 -13.50 -8.48
CA ILE C 224 23.65 -12.71 -7.33
C ILE C 224 24.38 -11.38 -7.40
N VAL C 225 23.66 -10.27 -7.23
CA VAL C 225 24.28 -8.94 -7.26
C VAL C 225 25.33 -8.87 -6.17
N SER C 226 26.59 -8.62 -6.56
CA SER C 226 27.65 -8.69 -5.56
C SER C 226 28.35 -7.35 -5.31
N TRP C 227 28.86 -6.71 -6.35
CA TRP C 227 29.58 -5.44 -6.16
C TRP C 227 29.82 -4.70 -7.46
N GLY C 228 30.23 -3.43 -7.31
CA GLY C 228 30.57 -2.62 -8.45
C GLY C 228 31.33 -1.39 -8.00
N GLU C 229 32.10 -0.81 -8.91
CA GLU C 229 32.80 0.43 -8.62
C GLU C 229 31.94 1.62 -9.01
N GLY C 230 31.25 2.19 -8.03
CA GLY C 230 30.20 3.15 -8.32
C GLY C 230 29.01 2.39 -8.89
N CYS C 231 28.15 3.09 -9.63
CA CYS C 231 27.00 2.47 -10.30
C CYS C 231 26.83 3.16 -11.66
N ASP C 232 26.71 2.36 -12.71
CA ASP C 232 26.51 2.88 -14.07
C ASP C 232 27.60 3.83 -14.57
N ARG C 233 28.83 3.61 -14.12
CA ARG C 233 29.96 4.38 -14.65
C ARG C 233 30.42 3.80 -15.98
N ASP C 234 30.67 4.67 -16.95
CA ASP C 234 31.25 4.27 -18.24
C ASP C 234 32.51 3.47 -18.02
N GLY C 235 32.66 2.36 -18.73
CA GLY C 235 33.83 1.53 -18.60
C GLY C 235 33.88 0.70 -17.33
N LYS C 236 32.82 0.75 -16.53
CA LYS C 236 32.70 -0.14 -15.37
C LYS C 236 31.56 -1.13 -15.58
N TYR C 237 31.58 -2.20 -14.80
CA TYR C 237 30.60 -3.26 -14.94
C TYR C 237 30.20 -3.81 -13.59
N GLY C 238 28.95 -4.25 -13.48
CA GLY C 238 28.48 -4.82 -12.24
C GLY C 238 29.01 -6.22 -12.13
N PHE C 239 29.39 -6.62 -10.92
CA PHE C 239 29.86 -7.98 -10.73
C PHE C 239 28.86 -8.81 -9.97
N TYR C 240 28.77 -10.09 -10.36
CA TYR C 240 27.77 -11.01 -9.85
C TYR C 240 28.40 -12.32 -9.41
N THR C 241 27.92 -12.86 -8.29
CA THR C 241 28.32 -14.20 -7.87
C THR C 241 27.81 -15.23 -8.89
N HIS C 242 28.69 -16.12 -9.32
CA HIS C 242 28.37 -17.15 -10.33
C HIS C 242 27.68 -18.31 -9.64
N VAL C 243 26.34 -18.35 -9.69
CA VAL C 243 25.54 -19.30 -8.92
C VAL C 243 25.81 -20.75 -9.29
N PHE C 244 25.90 -21.07 -10.57
CA PHE C 244 26.17 -22.45 -10.91
C PHE C 244 27.47 -22.98 -10.31
N ARG C 245 28.55 -22.19 -10.40
CA ARG C 245 29.83 -22.63 -9.86
C ARG C 245 29.77 -22.92 -8.38
N LEU C 246 28.76 -22.40 -7.68
CA LEU C 246 28.64 -22.64 -6.24
C LEU C 246 27.47 -23.58 -5.89
N LYS C 247 26.86 -24.18 -6.90
CA LYS C 247 25.67 -25.00 -6.64
C LYS C 247 25.94 -26.21 -5.73
N LYS C 248 27.16 -26.75 -5.77
CA LYS C 248 27.45 -27.95 -4.97
C LYS C 248 27.36 -27.60 -3.49
N TRP C 249 27.82 -26.42 -3.13
CA TRP C 249 27.68 -25.93 -1.75
C TRP C 249 26.22 -25.69 -1.38
N ILE C 250 25.44 -25.17 -2.34
CA ILE C 250 24.02 -24.93 -2.11
C ILE C 250 23.31 -26.25 -1.83
N GLN C 251 23.52 -27.24 -2.69
CA GLN C 251 22.94 -28.57 -2.53
C GLN C 251 23.33 -29.19 -1.19
N LYS C 252 24.61 -29.09 -0.86
CA LYS C 252 25.13 -29.63 0.39
C LYS C 252 24.42 -29.01 1.59
N VAL C 253 24.27 -27.70 1.58
CA VAL C 253 23.57 -27.02 2.68
C VAL C 253 22.12 -27.48 2.78
N ILE C 254 21.45 -27.57 1.64
CA ILE C 254 20.04 -27.92 1.64
C ILE C 254 19.82 -29.41 1.95
N ASP C 255 20.67 -30.27 1.39
CA ASP C 255 20.63 -31.70 1.73
C ASP C 255 20.79 -31.95 3.23
N GLN C 256 21.78 -31.30 3.83
CA GLN C 256 22.13 -31.54 5.23
C GLN C 256 21.14 -30.95 6.21
N PHE C 257 20.67 -29.73 5.93
CA PHE C 257 19.82 -28.99 6.85
C PHE C 257 18.37 -28.86 6.41
N GLY C 258 17.96 -29.62 5.40
CA GLY C 258 16.61 -29.54 4.88
C GLY C 258 15.54 -29.89 5.90
N ILE D 1 -9.38 14.23 11.87
CA ILE D 1 -9.96 13.92 13.18
C ILE D 1 -8.97 14.29 14.28
N VAL D 2 -9.42 15.06 15.27
CA VAL D 2 -8.58 15.45 16.40
C VAL D 2 -8.93 14.62 17.63
N GLU D 3 -7.92 14.11 18.31
CA GLU D 3 -8.09 13.28 19.50
C GLU D 3 -8.85 11.97 19.23
N GLY D 4 -8.68 11.44 18.03
CA GLY D 4 -9.28 10.16 17.69
C GLY D 4 -8.21 9.09 17.75
N SER D 5 -8.48 7.94 17.18
CA SER D 5 -7.49 6.87 17.14
C SER D 5 -7.53 6.18 15.78
N ASP D 6 -6.51 5.38 15.51
CA ASP D 6 -6.46 4.57 14.29
C ASP D 6 -7.70 3.65 14.21
N ALA D 7 -8.39 3.69 13.08
CA ALA D 7 -9.48 2.77 12.82
C ALA D 7 -8.93 1.36 12.75
N GLU D 8 -9.77 0.36 13.01
CA GLU D 8 -9.38 -1.02 12.73
C GLU D 8 -9.67 -1.36 11.28
N ILE D 9 -9.03 -2.41 10.76
CA ILE D 9 -9.27 -2.85 9.40
C ILE D 9 -10.75 -3.21 9.26
N GLY D 10 -11.39 -2.72 8.20
CA GLY D 10 -12.78 -3.03 7.95
C GLY D 10 -13.79 -2.43 8.91
N MET D 11 -13.34 -1.54 9.79
CA MET D 11 -14.18 -0.91 10.80
C MET D 11 -15.24 0.02 10.21
N SER D 12 -14.94 0.59 9.05
CA SER D 12 -15.81 1.58 8.42
C SER D 12 -15.82 1.34 6.90
N PRO D 13 -16.39 0.20 6.48
CA PRO D 13 -16.23 -0.21 5.07
C PRO D 13 -17.05 0.65 4.10
N TRP D 14 -17.88 1.55 4.62
CA TRP D 14 -18.59 2.53 3.79
C TRP D 14 -17.78 3.82 3.59
N GLN D 15 -16.60 3.90 4.20
CA GLN D 15 -15.79 5.12 4.11
C GLN D 15 -15.33 5.32 2.68
N VAL D 16 -15.55 6.51 2.16
CA VAL D 16 -15.10 6.84 0.83
C VAL D 16 -14.15 8.04 0.90
N MET D 17 -13.08 8.00 0.10
CA MET D 17 -12.23 9.17 -0.08
C MET D 17 -12.50 9.87 -1.41
N LEU D 18 -12.80 11.16 -1.34
CA LEU D 18 -12.95 11.98 -2.52
C LEU D 18 -11.58 12.47 -2.91
N PHE D 19 -11.16 12.12 -4.11
CA PHE D 19 -9.77 12.37 -4.51
C PHE D 19 -9.70 13.26 -5.74
N ARG D 20 -9.00 14.38 -5.61
CA ARG D 20 -8.77 15.30 -6.72
C ARG D 20 -7.76 14.68 -7.67
N LYS D 21 -8.06 14.70 -8.96
CA LYS D 21 -7.15 14.12 -9.95
C LYS D 21 -5.85 14.89 -10.09
N SER D 22 -5.97 16.20 -10.31
CA SER D 22 -4.80 17.04 -10.58
C SER D 22 -4.96 18.38 -9.88
N PRO D 23 -4.07 18.69 -8.91
CA PRO D 23 -3.03 17.78 -8.43
C PRO D 23 -3.65 16.69 -7.55
N GLN D 24 -2.97 15.54 -7.46
CA GLN D 24 -3.48 14.42 -6.68
C GLN D 24 -3.49 14.77 -5.21
N GLU D 25 -4.69 14.92 -4.65
CA GLU D 25 -4.81 15.20 -3.23
C GLU D 25 -6.16 14.77 -2.68
N LEU D 26 -6.24 14.67 -1.36
CA LEU D 26 -7.48 14.38 -0.68
C LEU D 26 -8.34 15.63 -0.74
N LEU D 27 -9.61 15.47 -1.09
CA LEU D 27 -10.55 16.59 -1.08
C LEU D 27 -11.42 16.54 0.16
N CYS D 28 -12.03 15.38 0.38
CA CYS D 28 -13.08 15.25 1.37
C CYS D 28 -13.32 13.79 1.67
N GLY D 29 -14.06 13.55 2.74
CA GLY D 29 -14.59 12.23 3.01
C GLY D 29 -15.93 12.08 2.32
N ALA D 30 -16.49 10.87 2.40
CA ALA D 30 -17.76 10.57 1.78
C ALA D 30 -18.19 9.18 2.28
N SER D 31 -19.38 8.73 1.89
CA SER D 31 -19.84 7.40 2.28
C SER D 31 -20.55 6.65 1.16
N LEU D 32 -20.46 5.33 1.23
CA LEU D 32 -21.06 4.46 0.25
C LEU D 32 -22.45 4.01 0.76
N ILE D 33 -23.50 4.37 0.02
CA ILE D 33 -24.85 4.04 0.47
C ILE D 33 -25.52 2.96 -0.41
N SER D 34 -24.87 2.61 -1.52
CA SER D 34 -25.26 1.46 -2.34
C SER D 34 -24.10 1.19 -3.29
N ASP D 35 -24.30 0.31 -4.26
CA ASP D 35 -23.21 -0.05 -5.18
C ASP D 35 -22.93 1.02 -6.24
N ARG D 36 -23.80 2.03 -6.34
CA ARG D 36 -23.67 3.06 -7.37
CA ARG D 36 -23.72 3.06 -7.37
C ARG D 36 -23.70 4.48 -6.79
N TRP D 37 -24.07 4.62 -5.53
CA TRP D 37 -24.24 5.96 -4.97
C TRP D 37 -23.35 6.27 -3.78
N VAL D 38 -22.82 7.49 -3.79
CA VAL D 38 -21.95 7.95 -2.73
C VAL D 38 -22.45 9.29 -2.21
N LEU D 39 -22.53 9.40 -0.89
CA LEU D 39 -23.02 10.59 -0.21
C LEU D 39 -21.84 11.42 0.30
N THR D 40 -21.96 12.74 0.20
CA THR D 40 -20.93 13.63 0.71
C THR D 40 -21.51 15.00 1.07
N ALA D 41 -20.66 15.95 1.51
CA ALA D 41 -21.11 17.30 1.83
C ALA D 41 -21.08 18.13 0.56
N ALA D 42 -22.14 18.91 0.33
CA ALA D 42 -22.19 19.76 -0.87
C ALA D 42 -20.99 20.71 -0.96
N HIS D 43 -20.53 21.20 0.18
CA HIS D 43 -19.45 22.18 0.17
C HIS D 43 -18.12 21.56 -0.28
N CYS D 44 -18.02 20.24 -0.28
CA CYS D 44 -16.83 19.58 -0.80
C CYS D 44 -16.75 19.78 -2.31
N LEU D 45 -17.89 20.02 -2.94
CA LEU D 45 -17.98 20.07 -4.39
C LEU D 45 -18.22 21.51 -4.88
N LEU D 46 -19.00 22.26 -4.13
CA LEU D 46 -19.37 23.59 -4.53
C LEU D 46 -19.21 24.57 -3.38
N TYR D 47 -18.27 25.49 -3.55
CA TYR D 47 -18.10 26.57 -2.59
C TYR D 47 -17.56 27.81 -3.29
N PRO D 48 -18.47 28.59 -3.90
CA PRO D 48 -18.16 29.82 -4.64
C PRO D 48 -17.28 30.87 -3.94
N PRO D 49 -17.41 31.07 -2.61
CA PRO D 49 -16.54 32.09 -2.00
C PRO D 49 -15.06 31.79 -2.14
N TRP D 50 -14.69 30.53 -2.33
CA TRP D 50 -13.28 30.13 -2.50
C TRP D 50 -13.02 29.59 -3.89
N ASP D 51 -13.89 29.94 -4.82
CA ASP D 51 -13.85 29.46 -6.20
C ASP D 51 -13.74 27.92 -6.35
N LYS D 52 -14.48 27.22 -5.51
CA LYS D 52 -14.56 25.77 -5.59
C LYS D 52 -15.83 25.39 -6.32
N ASN D 53 -15.67 24.78 -7.51
CA ASN D 53 -16.80 24.23 -8.26
C ASN D 53 -16.35 23.06 -9.06
N PHE D 54 -16.32 21.87 -8.46
CA PHE D 54 -15.81 20.67 -9.13
C PHE D 54 -16.81 20.03 -10.09
N THR D 55 -16.30 19.58 -11.24
CA THR D 55 -17.11 18.81 -12.18
C THR D 55 -16.76 17.32 -12.01
N GLU D 56 -17.57 16.44 -12.60
CA GLU D 56 -17.37 15.01 -12.47
C GLU D 56 -15.98 14.57 -12.85
N ASN D 57 -15.47 15.12 -13.94
CA ASN D 57 -14.19 14.68 -14.47
C ASN D 57 -12.98 15.13 -13.64
N ASP D 58 -13.23 15.98 -12.63
CA ASP D 58 -12.15 16.47 -11.77
C ASP D 58 -11.76 15.50 -10.69
N LEU D 59 -12.64 14.55 -10.39
CA LEU D 59 -12.51 13.76 -9.17
C LEU D 59 -12.59 12.25 -9.39
N LEU D 60 -12.08 11.52 -8.41
CA LEU D 60 -12.23 10.08 -8.31
C LEU D 60 -12.74 9.81 -6.92
N VAL D 61 -13.34 8.64 -6.71
CA VAL D 61 -13.62 8.21 -5.36
C VAL D 61 -12.83 6.95 -5.08
N ARG D 62 -12.23 6.89 -3.89
CA ARG D 62 -11.45 5.74 -3.49
C ARG D 62 -12.13 5.03 -2.34
N ILE D 63 -12.52 3.79 -2.60
CA ILE D 63 -13.36 3.02 -1.70
C ILE D 63 -12.60 1.81 -1.16
N GLY D 64 -12.82 1.51 0.12
CA GLY D 64 -12.15 0.37 0.74
C GLY D 64 -10.82 0.73 1.37
N LYS D 65 -10.52 2.02 1.47
CA LYS D 65 -9.19 2.47 1.90
C LYS D 65 -8.99 2.44 3.41
N HIS D 66 -7.73 2.42 3.82
CA HIS D 66 -7.34 2.51 5.22
C HIS D 66 -6.16 3.48 5.34
N SER D 67 -5.10 3.19 4.58
CA SER D 67 -3.96 4.10 4.50
C SER D 67 -4.38 5.37 3.82
N ARG D 68 -3.98 6.52 4.36
CA ARG D 68 -4.32 7.80 3.74
C ARG D 68 -3.70 7.98 2.37
N THR D 69 -2.39 7.72 2.26
CA THR D 69 -1.62 8.06 1.05
C THR D 69 -1.29 6.88 0.14
N ARG D 70 -1.17 5.69 0.70
CA ARG D 70 -0.72 4.53 -0.08
C ARG D 70 -1.80 4.10 -1.07
N TYR D 71 -1.38 3.59 -2.23
CA TYR D 71 -2.32 2.94 -3.11
C TYR D 71 -2.50 1.50 -2.65
N GLU D 72 -3.65 1.21 -2.05
CA GLU D 72 -3.86 -0.07 -1.39
C GLU D 72 -4.26 -1.18 -2.36
N ARG D 73 -3.24 -1.70 -3.03
CA ARG D 73 -3.37 -2.63 -4.12
C ARG D 73 -4.13 -3.89 -3.67
N ASN D 74 -5.05 -4.34 -4.54
CA ASN D 74 -5.93 -5.48 -4.28
C ASN D 74 -6.95 -5.24 -3.18
N ILE D 75 -6.99 -4.03 -2.64
CA ILE D 75 -7.89 -3.76 -1.52
C ILE D 75 -8.86 -2.63 -1.84
N GLU D 76 -8.31 -1.46 -2.18
CA GLU D 76 -9.14 -0.33 -2.51
C GLU D 76 -9.66 -0.42 -3.93
N LYS D 77 -10.81 0.20 -4.17
CA LYS D 77 -11.33 0.34 -5.51
C LYS D 77 -11.48 1.83 -5.83
N ILE D 78 -11.13 2.19 -7.05
CA ILE D 78 -11.24 3.58 -7.48
C ILE D 78 -12.33 3.66 -8.53
N SER D 79 -13.27 4.58 -8.33
CA SER D 79 -14.41 4.72 -9.24
C SER D 79 -14.45 6.11 -9.83
N MET D 80 -14.96 6.21 -11.04
CA MET D 80 -15.19 7.49 -11.70
C MET D 80 -16.65 7.91 -11.51
N LEU D 81 -16.91 9.22 -11.55
CA LEU D 81 -18.26 9.77 -11.31
C LEU D 81 -19.06 9.93 -12.57
N GLU D 82 -20.28 9.41 -12.59
CA GLU D 82 -21.14 9.61 -13.74
C GLU D 82 -21.82 10.97 -13.59
N LYS D 83 -22.31 11.26 -12.40
CA LYS D 83 -23.06 12.49 -12.20
C LYS D 83 -23.06 12.95 -10.75
N ILE D 84 -22.95 14.27 -10.57
CA ILE D 84 -23.01 14.90 -9.28
C ILE D 84 -24.37 15.57 -9.09
N TYR D 85 -24.98 15.38 -7.92
CA TYR D 85 -26.25 16.04 -7.60
C TYR D 85 -26.11 16.81 -6.28
N ILE D 86 -26.25 18.12 -6.35
CA ILE D 86 -26.14 18.96 -5.17
C ILE D 86 -27.54 19.38 -4.74
N HIS D 87 -27.83 19.39 -3.44
CA HIS D 87 -29.16 19.83 -3.01
C HIS D 87 -29.51 21.19 -3.60
N PRO D 88 -30.67 21.32 -4.25
CA PRO D 88 -31.00 22.56 -4.94
C PRO D 88 -31.12 23.76 -3.98
N ARG D 89 -31.32 23.50 -2.69
CA ARG D 89 -31.39 24.59 -1.73
C ARG D 89 -30.22 24.54 -0.74
N TYR D 90 -29.15 23.87 -1.15
CA TYR D 90 -27.87 24.01 -0.46
C TYR D 90 -27.53 25.49 -0.32
N ASN D 91 -27.35 25.94 0.92
CA ASN D 91 -27.13 27.37 1.17
C ASN D 91 -25.67 27.71 1.49
N TRP D 92 -24.87 27.85 0.44
CA TRP D 92 -23.47 28.17 0.61
C TRP D 92 -23.27 29.64 0.93
N ARG D 93 -24.28 30.46 0.66
CA ARG D 93 -24.15 31.89 0.91
C ARG D 93 -24.09 32.23 2.38
N GLU D 94 -24.81 31.49 3.23
CA GLU D 94 -24.93 31.87 4.63
CA GLU D 94 -24.91 31.87 4.64
C GLU D 94 -24.32 30.86 5.60
N ASN D 95 -25.00 29.74 5.80
CA ASN D 95 -24.65 28.85 6.89
C ASN D 95 -24.49 27.37 6.54
N LEU D 96 -24.26 27.07 5.26
CA LEU D 96 -24.17 25.68 4.81
C LEU D 96 -25.43 24.86 5.13
N ASP D 97 -26.58 25.53 5.22
CA ASP D 97 -27.84 24.81 5.36
C ASP D 97 -28.03 23.82 4.19
N ARG D 98 -28.37 22.58 4.52
CA ARG D 98 -28.58 21.51 3.54
C ARG D 98 -27.28 21.15 2.85
N ASP D 99 -26.22 20.99 3.64
CA ASP D 99 -24.90 20.68 3.09
C ASP D 99 -24.83 19.20 2.68
N ILE D 100 -25.37 18.89 1.51
CA ILE D 100 -25.52 17.50 1.09
C ILE D 100 -25.44 17.36 -0.42
N ALA D 101 -24.89 16.24 -0.87
CA ALA D 101 -24.71 15.97 -2.29
C ALA D 101 -24.56 14.50 -2.51
N LEU D 102 -25.01 14.05 -3.68
CA LEU D 102 -24.92 12.66 -4.07
C LEU D 102 -24.01 12.53 -5.29
N MET D 103 -23.30 11.42 -5.35
CA MET D 103 -22.48 11.12 -6.51
C MET D 103 -22.80 9.74 -7.04
N LYS D 104 -23.22 9.66 -8.30
CA LYS D 104 -23.46 8.39 -8.96
C LYS D 104 -22.21 7.91 -9.68
N LEU D 105 -21.78 6.69 -9.37
CA LEU D 105 -20.57 6.12 -9.94
C LEU D 105 -20.86 5.65 -11.35
N LYS D 106 -19.83 5.66 -12.20
CA LYS D 106 -19.97 5.23 -13.58
C LYS D 106 -20.32 3.76 -13.70
N LYS D 107 -19.85 2.97 -12.74
CA LYS D 107 -20.10 1.54 -12.71
C LYS D 107 -20.22 1.09 -11.27
N PRO D 108 -20.97 0.01 -11.00
CA PRO D 108 -21.13 -0.44 -9.61
C PRO D 108 -19.80 -0.88 -9.01
N VAL D 109 -19.56 -0.56 -7.74
CA VAL D 109 -18.39 -1.10 -7.04
C VAL D 109 -18.71 -2.48 -6.45
N ALA D 110 -17.74 -3.38 -6.50
CA ALA D 110 -17.88 -4.70 -5.93
C ALA D 110 -17.66 -4.66 -4.42
N PHE D 111 -18.61 -5.21 -3.67
CA PHE D 111 -18.49 -5.26 -2.22
C PHE D 111 -17.43 -6.28 -1.81
N SER D 112 -16.91 -6.14 -0.59
CA SER D 112 -15.88 -7.04 -0.07
C SER D 112 -15.80 -6.89 1.44
N ASP D 113 -14.78 -7.48 2.04
CA ASP D 113 -14.52 -7.31 3.47
C ASP D 113 -14.28 -5.85 3.84
N TYR D 114 -13.81 -5.07 2.87
CA TYR D 114 -13.38 -3.68 3.11
C TYR D 114 -14.31 -2.63 2.50
N ILE D 115 -15.29 -3.10 1.73
CA ILE D 115 -16.20 -2.23 0.98
C ILE D 115 -17.63 -2.73 1.16
N HIS D 116 -18.45 -1.95 1.84
CA HIS D 116 -19.82 -2.36 2.18
C HIS D 116 -20.63 -1.11 2.54
N PRO D 117 -21.89 -1.03 2.08
CA PRO D 117 -22.65 0.20 2.27
C PRO D 117 -23.22 0.37 3.68
N VAL D 118 -23.34 1.62 4.11
CA VAL D 118 -23.97 1.97 5.39
C VAL D 118 -25.48 2.12 5.16
N CYS D 119 -26.30 1.92 6.19
CA CYS D 119 -27.75 2.18 6.06
C CYS D 119 -28.08 3.65 6.23
N LEU D 120 -29.17 4.09 5.59
CA LEU D 120 -29.73 5.41 5.83
C LEU D 120 -30.95 5.26 6.75
N PRO D 121 -31.10 6.17 7.72
CA PRO D 121 -32.10 6.04 8.77
C PRO D 121 -33.52 6.28 8.27
N ASP D 122 -34.46 5.50 8.81
CA ASP D 122 -35.88 5.78 8.70
C ASP D 122 -36.24 6.72 9.83
N ARG D 123 -37.47 7.22 9.82
CA ARG D 123 -37.93 8.18 10.82
C ARG D 123 -37.81 7.67 12.25
N GLU D 124 -38.23 6.42 12.45
CA GLU D 124 -38.25 5.82 13.77
C GLU D 124 -36.82 5.63 14.30
N THR D 125 -35.92 5.23 13.43
CA THR D 125 -34.54 5.03 13.83
C THR D 125 -33.90 6.37 14.20
N ALA D 126 -34.20 7.41 13.42
CA ALA D 126 -33.74 8.76 13.72
C ALA D 126 -34.27 9.25 15.05
N ALA D 127 -35.60 9.13 15.21
CA ALA D 127 -36.26 9.61 16.41
C ALA D 127 -35.69 8.91 17.63
N SER D 128 -35.44 7.63 17.49
CA SER D 128 -34.92 6.84 18.61
C SER D 128 -33.46 7.16 18.95
N LEU D 129 -32.62 7.39 17.94
CA LEU D 129 -31.18 7.53 18.17
C LEU D 129 -30.66 8.97 18.32
N LEU D 130 -31.30 9.92 17.65
CA LEU D 130 -30.81 11.30 17.64
C LEU D 130 -31.23 12.05 18.88
N GLN D 131 -30.56 11.72 19.99
CA GLN D 131 -30.88 12.30 21.27
C GLN D 131 -29.60 12.81 21.91
N ALA D 132 -29.70 13.93 22.61
CA ALA D 132 -28.56 14.49 23.34
C ALA D 132 -27.98 13.44 24.30
N GLY D 133 -26.66 13.27 24.25
CA GLY D 133 -26.00 12.29 25.11
C GLY D 133 -25.67 11.00 24.36
N TYR D 134 -26.51 10.63 23.41
CA TYR D 134 -26.24 9.46 22.57
C TYR D 134 -25.01 9.72 21.71
N LYS D 135 -24.10 8.75 21.68
CA LYS D 135 -22.85 8.94 20.95
C LYS D 135 -22.95 8.37 19.55
N GLY D 136 -22.36 9.08 18.60
CA GLY D 136 -22.16 8.53 17.28
C GLY D 136 -20.67 8.52 17.00
N ARG D 137 -20.30 8.10 15.79
CA ARG D 137 -18.91 7.87 15.46
C ARG D 137 -18.54 8.62 14.20
N VAL D 138 -17.40 9.30 14.21
CA VAL D 138 -16.93 10.03 13.04
C VAL D 138 -15.61 9.48 12.56
N THR D 139 -15.45 9.36 11.24
CA THR D 139 -14.22 8.84 10.67
C THR D 139 -13.68 9.71 9.54
N GLY D 140 -12.37 9.76 9.39
CA GLY D 140 -11.79 10.48 8.27
C GLY D 140 -10.28 10.52 8.27
N TRP D 141 -9.73 11.06 7.18
CA TRP D 141 -8.29 11.21 6.99
C TRP D 141 -7.87 12.67 7.12
N GLY D 142 -8.73 13.47 7.73
CA GLY D 142 -8.46 14.89 7.86
C GLY D 142 -7.39 15.23 8.89
N ASN D 143 -7.12 16.51 9.05
CA ASN D 143 -6.15 17.01 10.02
C ASN D 143 -6.26 16.39 11.41
N LEU D 144 -5.10 16.16 12.03
CA LEU D 144 -5.03 15.66 13.40
C LEU D 144 -5.16 16.78 14.44
N LYS D 145 -4.93 18.01 14.00
CA LYS D 145 -5.06 19.18 14.88
C LYS D 145 -5.39 20.43 14.06
N GLU D 146 -5.89 21.46 14.73
CA GLU D 146 -6.31 22.69 14.06
C GLU D 146 -5.20 23.33 13.22
N THR D 147 -5.57 23.80 12.02
CA THR D 147 -4.62 24.34 11.04
C THR D 147 -3.50 23.34 10.76
N GLY D 155 1.08 16.16 10.68
CA GLY D 155 -0.20 16.85 10.83
C GLY D 155 -1.35 16.06 10.21
N GLN D 156 -1.02 15.22 9.23
CA GLN D 156 -2.01 14.36 8.61
C GLN D 156 -1.73 12.91 9.04
N PRO D 157 -2.79 12.15 9.33
CA PRO D 157 -2.65 10.77 9.83
C PRO D 157 -2.13 9.80 8.78
N SER D 158 -1.46 8.75 9.24
CA SER D 158 -1.06 7.68 8.35
C SER D 158 -2.27 6.86 7.93
N VAL D 159 -3.16 6.60 8.86
CA VAL D 159 -4.32 5.77 8.51
C VAL D 159 -5.63 6.41 8.93
N LEU D 160 -6.73 5.86 8.44
CA LEU D 160 -8.07 6.32 8.80
C LEU D 160 -8.22 6.50 10.32
N GLN D 161 -8.76 7.65 10.73
CA GLN D 161 -8.96 7.97 12.13
C GLN D 161 -10.44 7.85 12.50
N VAL D 162 -10.69 7.53 13.76
CA VAL D 162 -12.05 7.33 14.25
C VAL D 162 -12.19 8.01 15.61
N VAL D 163 -13.38 8.54 15.89
CA VAL D 163 -13.67 9.10 17.21
C VAL D 163 -15.17 8.99 17.49
N ASN D 164 -15.53 8.66 18.72
CA ASN D 164 -16.93 8.65 19.14
C ASN D 164 -17.25 9.92 19.90
N LEU D 165 -18.42 10.51 19.63
CA LEU D 165 -18.79 11.81 20.17
C LEU D 165 -20.26 11.90 20.52
N PRO D 166 -20.57 12.56 21.64
CA PRO D 166 -21.99 12.68 22.06
C PRO D 166 -22.75 13.78 21.30
N ILE D 167 -23.98 13.48 20.92
CA ILE D 167 -24.89 14.47 20.37
C ILE D 167 -25.18 15.52 21.45
N VAL D 168 -25.28 16.77 21.03
CA VAL D 168 -25.44 17.87 21.98
C VAL D 168 -26.81 18.55 21.86
N GLU D 169 -27.38 18.93 23.00
CA GLU D 169 -28.68 19.61 23.04
C GLU D 169 -28.68 20.79 22.08
N ARG D 170 -29.76 20.97 21.34
CA ARG D 170 -29.84 22.03 20.35
CA ARG D 170 -29.84 22.03 20.35
C ARG D 170 -29.58 23.45 20.88
N PRO D 171 -30.11 23.78 22.08
CA PRO D 171 -29.80 25.15 22.55
C PRO D 171 -28.31 25.36 22.86
N VAL D 172 -27.62 24.34 23.33
CA VAL D 172 -26.18 24.44 23.54
C VAL D 172 -25.46 24.63 22.20
N CYS D 173 -25.91 23.91 21.17
CA CYS D 173 -25.30 24.07 19.84
C CYS D 173 -25.43 25.53 19.38
N LYS D 174 -26.65 26.07 19.50
CA LYS D 174 -26.96 27.42 19.06
C LYS D 174 -26.15 28.45 19.83
N ASP D 175 -26.12 28.29 21.15
CA ASP D 175 -25.40 29.21 22.02
C ASP D 175 -23.87 29.16 21.89
N SER D 176 -23.35 28.22 21.11
CA SER D 176 -21.90 28.05 20.98
C SER D 176 -21.34 28.77 19.77
N THR D 177 -22.23 29.36 18.96
CA THR D 177 -21.78 29.95 17.71
C THR D 177 -22.60 31.18 17.31
N ARG D 178 -22.08 31.93 16.34
CA ARG D 178 -22.78 33.10 15.82
C ARG D 178 -23.51 32.74 14.55
N ILE D 179 -23.18 31.57 14.01
CA ILE D 179 -23.86 31.08 12.82
C ILE D 179 -25.31 30.74 13.15
N ARG D 180 -26.24 31.13 12.29
CA ARG D 180 -27.62 30.67 12.42
C ARG D 180 -27.74 29.17 12.13
N ILE D 181 -28.11 28.41 13.16
CA ILE D 181 -28.26 26.95 13.12
C ILE D 181 -29.67 26.55 12.66
N THR D 182 -29.78 25.61 11.72
CA THR D 182 -31.09 25.16 11.24
C THR D 182 -31.46 23.73 11.71
N ASP D 183 -32.71 23.34 11.46
CA ASP D 183 -33.16 21.99 11.78
C ASP D 183 -32.48 20.93 10.93
N ASN D 184 -31.83 21.35 9.84
CA ASN D 184 -31.08 20.45 8.98
C ASN D 184 -29.66 20.20 9.46
N MET D 185 -29.37 20.63 10.69
CA MET D 185 -28.06 20.43 11.33
C MET D 185 -28.24 19.93 12.75
N PHE D 186 -27.23 19.24 13.25
CA PHE D 186 -27.11 18.96 14.67
C PHE D 186 -25.63 19.09 14.98
N CYS D 187 -25.28 19.24 16.25
CA CYS D 187 -23.86 19.34 16.59
C CYS D 187 -23.49 18.22 17.55
N ALA D 188 -22.21 17.88 17.57
CA ALA D 188 -21.72 16.84 18.46
C ALA D 188 -20.34 17.17 19.01
N GLY D 189 -20.08 16.72 20.24
CA GLY D 189 -18.82 16.97 20.89
C GLY D 189 -18.98 16.95 22.40
N TYR D 190 -17.85 16.87 23.09
CA TYR D 190 -17.87 16.94 24.53
C TYR D 190 -17.90 18.41 24.95
N LYS D 191 -18.60 18.67 26.04
CA LYS D 191 -18.60 19.97 26.69
C LYS D 191 -17.28 20.15 27.41
N PRO D 192 -16.88 21.41 27.66
CA PRO D 192 -15.58 21.67 28.29
C PRO D 192 -15.41 20.93 29.61
N ASP D 193 -16.49 20.87 30.39
CA ASP D 193 -16.42 20.25 31.71
C ASP D 193 -16.27 18.73 31.61
N GLU D 194 -16.89 18.15 30.59
CA GLU D 194 -16.97 16.69 30.45
C GLU D 194 -15.62 15.98 30.40
N GLY D 195 -14.55 16.72 30.16
CA GLY D 195 -13.21 16.15 30.20
C GLY D 195 -12.71 15.59 28.88
N LYS D 196 -13.33 14.52 28.39
CA LYS D 196 -12.94 13.91 27.11
C LYS D 196 -13.03 14.93 25.98
N ARG D 197 -12.32 14.70 24.89
CA ARG D 197 -12.44 15.60 23.75
C ARG D 197 -12.46 14.87 22.41
N GLY D 198 -12.34 15.63 21.32
CA GLY D 198 -12.38 15.02 20.00
C GLY D 198 -13.32 15.79 19.10
N ASP D 199 -13.03 15.77 17.81
CA ASP D 199 -13.76 16.56 16.85
C ASP D 199 -13.32 16.12 15.47
N ALA D 200 -14.16 16.38 14.47
CA ALA D 200 -13.73 16.31 13.09
C ALA D 200 -12.87 17.55 12.80
N CYS D 201 -12.23 17.59 11.64
CA CYS D 201 -11.40 18.73 11.27
C CYS D 201 -11.32 18.83 9.76
N GLU D 202 -10.59 19.83 9.27
CA GLU D 202 -10.37 20.02 7.84
C GLU D 202 -9.96 18.71 7.17
N GLY D 203 -10.53 18.40 6.00
CA GLY D 203 -10.26 17.14 5.34
C GLY D 203 -11.27 16.04 5.67
N ASP D 204 -11.96 16.19 6.81
CA ASP D 204 -12.94 15.19 7.25
C ASP D 204 -14.32 15.47 6.69
N SER D 205 -14.53 16.71 6.23
CA SER D 205 -15.78 17.13 5.60
C SER D 205 -16.33 16.08 4.65
N GLY D 206 -17.64 15.84 4.71
CA GLY D 206 -18.29 14.97 3.76
C GLY D 206 -18.34 13.54 4.23
N GLY D 207 -17.51 13.23 5.22
CA GLY D 207 -17.52 11.92 5.84
C GLY D 207 -18.71 11.70 6.75
N PRO D 208 -18.89 10.46 7.21
CA PRO D 208 -20.10 10.04 7.91
C PRO D 208 -20.05 10.15 9.44
N PHE D 209 -21.16 10.57 10.03
CA PHE D 209 -21.38 10.45 11.47
C PHE D 209 -22.34 9.26 11.57
N VAL D 210 -21.88 8.16 12.15
CA VAL D 210 -22.71 6.95 12.17
C VAL D 210 -23.10 6.54 13.57
N MET D 211 -24.20 5.81 13.67
CA MET D 211 -24.60 5.23 14.94
C MET D 211 -24.97 3.77 14.71
N LYS D 212 -24.73 2.92 15.71
CA LYS D 212 -25.13 1.52 15.63
C LYS D 212 -26.46 1.28 16.34
N SER D 213 -27.49 0.94 15.58
CA SER D 213 -28.79 0.67 16.18
C SER D 213 -28.68 -0.47 17.20
N PRO D 214 -29.12 -0.22 18.43
CA PRO D 214 -29.21 -1.32 19.39
C PRO D 214 -30.45 -2.19 19.10
N PHE D 215 -31.23 -1.81 18.10
CA PHE D 215 -32.43 -2.58 17.75
C PHE D 215 -32.15 -3.67 16.72
N ASN D 216 -31.35 -3.38 15.70
CA ASN D 216 -31.11 -4.43 14.72
C ASN D 216 -29.62 -4.63 14.48
N ASN D 217 -28.81 -3.94 15.29
CA ASN D 217 -27.34 -4.06 15.23
C ASN D 217 -26.75 -3.58 13.91
N ARG D 218 -27.47 -2.69 13.24
CA ARG D 218 -26.98 -2.15 11.97
C ARG D 218 -26.43 -0.75 12.16
N TRP D 219 -25.46 -0.40 11.33
CA TRP D 219 -24.93 0.96 11.34
C TRP D 219 -25.74 1.86 10.43
N TYR D 220 -26.14 2.99 10.99
CA TYR D 220 -26.91 4.00 10.27
C TYR D 220 -26.09 5.29 10.20
N GLN D 221 -26.10 5.92 9.04
CA GLN D 221 -25.49 7.24 8.92
C GLN D 221 -26.50 8.34 9.26
N MET D 222 -26.35 8.94 10.45
CA MET D 222 -27.25 10.03 10.87
C MET D 222 -26.77 11.40 10.41
N GLY D 223 -25.48 11.52 10.12
CA GLY D 223 -24.92 12.84 9.82
C GLY D 223 -23.81 12.86 8.79
N ILE D 224 -23.56 14.05 8.23
CA ILE D 224 -22.40 14.27 7.37
C ILE D 224 -21.56 15.38 7.98
N VAL D 225 -20.25 15.18 8.07
CA VAL D 225 -19.35 16.19 8.61
C VAL D 225 -19.49 17.46 7.77
N SER D 226 -19.86 18.57 8.41
CA SER D 226 -20.17 19.77 7.63
C SER D 226 -19.25 20.94 7.94
N TRP D 227 -19.16 21.34 9.20
CA TRP D 227 -18.32 22.49 9.55
C TRP D 227 -18.09 22.63 11.04
N GLY D 228 -17.10 23.44 11.38
CA GLY D 228 -16.76 23.71 12.77
C GLY D 228 -15.95 24.99 12.85
N GLU D 229 -15.97 25.61 14.02
CA GLU D 229 -15.14 26.78 14.26
C GLU D 229 -13.83 26.33 14.89
N GLY D 230 -12.79 26.25 14.06
CA GLY D 230 -11.57 25.55 14.46
C GLY D 230 -11.87 24.06 14.57
N CYS D 231 -11.06 23.34 15.33
CA CYS D 231 -11.26 21.92 15.57
C CYS D 231 -10.90 21.62 17.02
N ASP D 232 -11.78 20.92 17.73
CA ASP D 232 -11.57 20.55 19.13
C ASP D 232 -11.32 21.74 20.07
N ARG D 233 -11.95 22.88 19.80
CA ARG D 233 -11.86 24.01 20.73
C ARG D 233 -12.88 23.84 21.85
N ASP D 234 -12.45 24.12 23.08
CA ASP D 234 -13.35 24.11 24.24
C ASP D 234 -14.55 25.00 23.96
N GLY D 235 -15.75 24.52 24.28
CA GLY D 235 -16.94 25.33 24.08
C GLY D 235 -17.38 25.44 22.63
N LYS D 236 -16.69 24.74 21.73
CA LYS D 236 -17.16 24.62 20.35
C LYS D 236 -17.58 23.19 20.05
N TYR D 237 -18.35 23.02 18.99
CA TYR D 237 -18.87 21.72 18.62
C TYR D 237 -18.84 21.55 17.12
N GLY D 238 -18.67 20.33 16.66
CA GLY D 238 -18.71 20.04 15.24
C GLY D 238 -20.14 20.03 14.74
N PHE D 239 -20.37 20.57 13.56
CA PHE D 239 -21.71 20.55 13.01
C PHE D 239 -21.84 19.56 11.87
N TYR D 240 -23.00 18.91 11.81
CA TYR D 240 -23.25 17.83 10.89
C TYR D 240 -24.58 18.05 10.16
N THR D 241 -24.61 17.73 8.86
CA THR D 241 -25.83 17.72 8.10
C THR D 241 -26.78 16.62 8.62
N HIS D 242 -28.03 16.97 8.86
CA HIS D 242 -29.00 16.03 9.44
C HIS D 242 -29.55 15.17 8.31
N VAL D 243 -28.99 13.96 8.14
CA VAL D 243 -29.32 13.10 7.00
C VAL D 243 -30.81 12.71 6.90
N PHE D 244 -31.43 12.33 8.02
CA PHE D 244 -32.84 11.96 7.92
C PHE D 244 -33.70 13.10 7.39
N ARG D 245 -33.47 14.32 7.86
CA ARG D 245 -34.28 15.44 7.45
C ARG D 245 -34.21 15.68 5.96
N LEU D 246 -33.18 15.14 5.32
CA LEU D 246 -33.00 15.39 3.90
C LEU D 246 -33.24 14.12 3.08
N LYS D 247 -33.73 13.07 3.72
CA LYS D 247 -33.89 11.79 3.04
C LYS D 247 -34.85 11.84 1.83
N LYS D 248 -35.85 12.71 1.88
CA LYS D 248 -36.82 12.76 0.78
C LYS D 248 -36.12 13.22 -0.50
N TRP D 249 -35.20 14.17 -0.38
CA TRP D 249 -34.41 14.60 -1.52
C TRP D 249 -33.49 13.49 -2.02
N ILE D 250 -32.94 12.72 -1.07
CA ILE D 250 -32.07 11.61 -1.42
C ILE D 250 -32.84 10.58 -2.23
N GLN D 251 -34.01 10.18 -1.73
CA GLN D 251 -34.87 9.20 -2.41
C GLN D 251 -35.26 9.70 -3.78
N LYS D 252 -35.66 10.95 -3.85
CA LYS D 252 -36.06 11.56 -5.12
C LYS D 252 -34.94 11.48 -6.14
N VAL D 253 -33.72 11.83 -5.71
CA VAL D 253 -32.57 11.77 -6.63
C VAL D 253 -32.33 10.35 -7.13
N ILE D 254 -32.38 9.40 -6.20
CA ILE D 254 -32.09 8.02 -6.53
C ILE D 254 -33.23 7.38 -7.33
N ASP D 255 -34.48 7.68 -6.98
CA ASP D 255 -35.63 7.20 -7.76
C ASP D 255 -35.57 7.67 -9.21
N GLN D 256 -35.30 8.96 -9.40
CA GLN D 256 -35.33 9.59 -10.72
C GLN D 256 -34.15 9.17 -11.61
N PHE D 257 -32.96 9.14 -11.03
CA PHE D 257 -31.74 8.90 -11.78
C PHE D 257 -31.15 7.52 -11.52
N ASP E 1 11.05 5.79 7.14
CA ASP E 1 10.52 5.95 5.80
C ASP E 1 9.63 4.78 5.42
N PHE E 2 9.84 3.65 6.10
CA PHE E 2 9.08 2.45 5.84
C PHE E 2 7.86 2.38 6.73
N GLU E 3 6.70 2.13 6.12
CA GLU E 3 5.47 1.93 6.87
C GLU E 3 5.66 0.78 7.85
N GLU E 4 5.09 0.93 9.04
CA GLU E 4 5.29 -0.08 10.09
C GLU E 4 4.67 -1.40 9.66
N ILE E 5 5.44 -2.46 9.83
CA ILE E 5 4.94 -3.79 9.58
C ILE E 5 4.16 -4.20 10.83
N PRO E 6 3.18 -5.11 10.69
CA PRO E 6 2.37 -5.60 11.81
C PRO E 6 3.21 -6.00 13.01
N GLU E 7 2.66 -5.80 14.20
CA GLU E 7 3.38 -6.02 15.45
C GLU E 7 3.76 -7.49 15.61
N GLU E 8 2.94 -8.37 15.05
CA GLU E 8 3.19 -9.81 15.15
C GLU E 8 4.53 -10.22 14.54
N TYS E 9 5.05 -9.42 13.62
CA TYS E 9 6.29 -9.76 12.94
CB TYS E 9 6.29 -9.28 11.49
CG TYS E 9 5.21 -9.88 10.68
CD1 TYS E 9 5.16 -11.23 10.49
CD2 TYS E 9 4.19 -9.03 10.15
CE1 TYS E 9 4.09 -11.81 9.72
CE2 TYS E 9 3.15 -9.59 9.40
CZ TYS E 9 3.10 -10.96 9.19
OH TYS E 9 2.02 -11.48 8.42
S TYS E 9 2.12 -11.54 6.95
O1 TYS E 9 2.56 -10.26 6.37
O2 TYS E 9 0.88 -11.90 6.41
O3 TYS E 9 3.14 -12.63 6.63
C TYS E 9 7.51 -9.33 13.69
O TYS E 9 8.62 -9.83 13.43
N LEU E 10 7.33 -8.40 14.64
CA LEU E 10 8.43 -7.95 15.49
C LEU E 10 8.62 -8.84 16.72
N GLN E 11 7.52 -9.40 17.22
CA GLN E 11 7.54 -10.23 18.41
C GLN E 11 8.14 -11.60 18.11
N ASP F 1 2.44 13.95 -1.49
CA ASP F 1 2.73 12.90 -0.52
C ASP F 1 1.99 11.61 -0.87
N PHE F 2 1.07 11.70 -1.82
CA PHE F 2 0.25 10.57 -2.17
C PHE F 2 0.95 9.68 -3.18
N GLU F 3 0.98 8.39 -2.91
CA GLU F 3 1.47 7.43 -3.88
C GLU F 3 0.66 7.57 -5.15
N GLU F 4 1.31 7.44 -6.31
CA GLU F 4 0.61 7.51 -7.58
C GLU F 4 -0.38 6.40 -7.63
N ILE F 5 -1.51 6.64 -8.30
CA ILE F 5 -2.46 5.57 -8.54
C ILE F 5 -2.33 5.12 -9.99
N PRO F 6 -2.67 3.84 -10.26
CA PRO F 6 -2.63 3.29 -11.61
C PRO F 6 -3.15 4.25 -12.68
N GLU F 7 -2.45 4.32 -13.81
CA GLU F 7 -2.77 5.25 -14.87
C GLU F 7 -4.16 4.98 -15.45
N GLU F 8 -4.62 3.74 -15.35
CA GLU F 8 -5.92 3.36 -15.88
C GLU F 8 -7.06 4.20 -15.28
N TYS F 9 -6.83 4.74 -14.09
CA TYS F 9 -7.87 5.48 -13.39
CB TYS F 9 -7.73 5.26 -11.88
CG TYS F 9 -7.89 3.86 -11.45
CD1 TYS F 9 -9.04 3.18 -11.77
CD2 TYS F 9 -6.84 3.20 -10.75
CE1 TYS F 9 -9.20 1.82 -11.36
CE2 TYS F 9 -6.98 1.87 -10.36
CZ TYS F 9 -8.15 1.18 -10.66
OH TYS F 9 -8.28 -0.16 -10.25
S TYS F 9 -8.73 -0.45 -8.88
O1 TYS F 9 -7.86 0.23 -7.90
O2 TYS F 9 -10.18 0.05 -8.77
O3 TYS F 9 -8.68 -1.83 -8.66
C TYS F 9 -7.84 6.94 -13.71
O TYS F 9 -8.76 7.64 -13.31
N LEU F 10 -6.75 7.34 -14.35
CA LEU F 10 -6.54 8.73 -14.72
C LEU F 10 -6.82 8.92 -16.21
N GLN F 11 -7.35 7.89 -16.85
CA GLN F 11 -7.66 7.93 -18.27
C GLN F 11 -9.10 8.40 -18.50
C1 NAG G . 29.77 -13.14 13.74
C2 NAG G . 31.02 -13.15 14.62
C3 NAG G . 31.35 -14.55 15.16
C4 NAG G . 30.19 -14.64 16.15
C5 NAG G . 28.88 -14.78 15.39
C6 NAG G . 27.75 -14.69 16.38
C7 NAG G . 32.75 -12.71 12.76
C8 NAG G . 32.43 -13.90 11.89
N2 NAG G . 32.11 -12.47 13.91
O3 NAG G . 32.64 -14.57 15.79
O4 NAG G . 30.18 -15.33 17.43
O5 NAG G . 28.65 -13.74 14.43
O6 NAG G . 27.42 -13.31 16.51
O7 NAG G . 33.62 -11.92 12.42
C1 0NW H . 26.23 -3.86 -5.61
C2 0NW H . 26.41 -3.66 -6.97
C3 0NW H . 26.87 -2.43 -7.42
C7 0NW H . 27.27 -0.49 -4.18
C8 0NW H . 28.73 -0.56 -3.70
C9 0NW H . 29.19 -1.97 -3.44
C12 0NW H . 29.35 -3.94 -2.10
C13 0NW H . 29.96 -4.12 -0.72
C14 0NW H . 29.02 -3.62 0.36
C15 0NW H . 28.87 -2.13 0.12
C16 0NW H . 28.15 -1.91 -1.21
C30 0NW H . 32.84 0.32 -0.99
C31 0NW H . 33.43 -0.90 -1.30
C32 0NW H . 33.19 -1.48 -2.54
C33 0NW H . 32.32 -0.83 -3.42
C34 0NW H . 33.76 -2.80 -2.93
C35 0NW H . 34.35 -3.01 -4.17
C44 0NW H . 27.05 -2.21 -8.88
N46 0NW H . 26.80 -3.19 -9.74
N45 0NW H . 27.41 -1.09 -9.31
C4 0NW H . 27.14 -1.42 -6.52
C5 0NW H . 26.96 -1.61 -5.16
N24 0NW H . 29.62 0.08 -4.66
S25 0NW H . 30.74 1.12 -4.16
C28 0NW H . 31.72 0.39 -3.11
C39 0NW H . 33.63 -3.90 -2.07
C38 0NW H . 34.13 -5.14 -2.43
C37 0NW H . 34.73 -5.32 -3.67
CL2 0NW H . 35.38 -6.91 -4.20
C36 0NW H . 34.84 -4.25 -4.53
CL1 0NW H . 34.57 -1.68 -5.35
C29 0NW H . 32.00 0.97 -1.88
O27 0NW H . 31.49 1.60 -5.30
O26 0NW H . 30.07 2.22 -3.52
N11 0NW H . 28.92 -2.56 -2.28
C17 0NW H . 29.61 -3.87 1.74
C18 0NW H . 28.63 -4.56 2.69
N19 0NW H . 27.74 -3.59 3.28
O10 0NW H . 29.80 -2.57 -4.30
C6 0NW H . 26.50 -2.84 -4.70
NA NA I . 42.40 -5.90 -13.91
NA NA J . 29.29 1.02 -16.80
P PO4 K . 40.39 -17.53 -2.08
O1 PO4 K . 39.44 -17.97 -0.99
O2 PO4 K . 40.66 -18.70 -3.01
O3 PO4 K . 39.79 -16.37 -2.85
O4 PO4 K . 41.70 -17.08 -1.45
C1 GOL L . 31.71 -15.19 -19.81
O1 GOL L . 32.11 -14.25 -20.73
C2 GOL L . 31.35 -14.74 -18.44
O2 GOL L . 31.08 -15.78 -17.57
C3 GOL L . 32.27 -13.70 -17.86
O3 GOL L . 31.73 -12.47 -17.49
C1 GOL M . 33.91 -18.17 -19.01
O1 GOL M . 34.10 -16.83 -18.75
C2 GOL M . 33.51 -19.03 -17.87
O2 GOL M . 34.58 -19.46 -17.11
C3 GOL M . 32.38 -18.45 -17.06
O3 GOL M . 31.14 -19.06 -17.11
C1 NAG N . -20.55 25.43 -11.51
C2 NAG N . -21.44 26.65 -11.83
C3 NAG N . -22.46 26.35 -12.84
C4 NAG N . -21.85 25.80 -14.03
C5 NAG N . -21.18 24.51 -13.66
C6 NAG N . -20.66 23.83 -14.83
C7 NAG N . -21.51 28.24 -9.85
C8 NAG N . -20.22 28.84 -10.25
N2 NAG N . -22.11 27.14 -10.64
O3 NAG N . -23.19 27.54 -13.17
O4 NAG N . -22.79 25.63 -15.10
O5 NAG N . -20.09 24.80 -12.69
O6 NAG N . -21.58 23.51 -15.84
O7 NAG N . -22.10 28.65 -8.86
C1 0NW O . -15.33 20.18 9.11
C2 0NW O . -15.58 20.04 10.47
C3 0NW O . -14.85 20.77 11.41
C7 0NW O . -12.57 22.81 9.16
C8 0NW O . -13.19 24.19 8.88
C9 0NW O . -14.59 24.14 8.32
C12 0NW O . -16.10 23.90 6.46
C13 0NW O . -16.20 24.79 5.23
C14 0NW O . -15.14 24.41 4.22
C15 0NW O . -13.81 24.76 4.87
C16 0NW O . -13.61 23.87 6.10
C30 0NW O . -13.47 29.12 7.35
C31 0NW O . -14.86 29.10 7.31
C32 0NW O . -15.56 28.26 8.17
C33 0NW O . -14.83 27.42 9.03
C34 0NW O . -17.05 28.16 8.18
C35 0NW O . -17.78 28.20 9.36
C44 0NW O . -15.09 20.61 12.88
N46 0NW O . -16.14 19.90 13.30
N45 0NW O . -14.29 21.11 13.72
C4 0NW O . -13.87 21.65 10.96
C5 0NW O . -13.63 21.82 9.60
N24 0NW O . -13.23 24.98 10.10
S25 0NW O . -12.61 26.47 10.07
C28 0NW O . -13.43 27.44 9.07
C39 0NW O . -17.72 27.93 6.98
C38 0NW O . -19.10 27.79 6.96
C37 0NW O . -19.81 27.84 8.15
CL2 0NW O . -21.60 27.65 8.20
C36 0NW O . -19.16 28.05 9.34
CL1 0NW O . -17.04 28.46 10.97
C29 0NW O . -12.75 28.29 8.22
O27 0NW O . -12.67 26.94 11.43
O26 0NW O . -11.26 26.36 9.61
N11 0NW O . -14.75 24.00 7.01
C17 0NW O . -15.31 25.26 2.95
C18 0NW O . -14.20 25.01 1.93
N19 0NW O . -14.39 23.73 1.27
O10 0NW O . -15.54 24.24 9.07
C6 0NW O . -14.36 21.07 8.67
NA NA P . -25.78 31.82 18.25
NA NA Q . -15.21 21.30 21.87
P PO4 R . -32.56 28.57 3.53
O1 PO4 R . -33.85 28.09 4.15
O2 PO4 R . -31.39 28.33 4.48
O3 PO4 R . -32.32 27.82 2.24
O4 PO4 R . -32.69 30.05 3.24
C1 GOL S . -31.11 16.91 17.81
O1 GOL S . -31.12 16.82 16.44
C2 GOL S . -29.85 17.31 18.50
O2 GOL S . -29.99 17.30 19.88
C3 GOL S . -29.22 18.55 17.98
O3 GOL S . -27.86 18.79 18.21
#